data_8DHW
#
_entry.id   8DHW
#
_cell.length_a   94.485
_cell.length_b   94.485
_cell.length_c   287.607
_cell.angle_alpha   90.000
_cell.angle_beta   90.000
_cell.angle_gamma   90.000
#
_symmetry.space_group_name_H-M   'P 41 21 2'
#
loop_
_entity.id
_entity.type
_entity.pdbx_description
1 polymer 'Glycosyl hydrolase family 2, TIM barrel domain protein'
2 non-polymer "4-(4-beta-D-glucopyranuronosylpiperazin-1-yl)-2,7-bis(methylamino)pyrido[3',2':4,5]thieno[3,2-d]pyrimidine"
3 non-polymer 'SULFATE ION'
4 water water
#
_entity_poly.entity_id   1
_entity_poly.type   'polypeptide(L)'
_entity_poly.pdbx_seq_one_letter_code
;MHHHHHHSSGVDLGTENLYFQSNAMLYPILTQSRMLIDLSGTWRFKLDDGSGFEKKWYEKTLDDAQLMPVPSSYNDIKES
ADLRDHYGWVFYQRDLNIPAYLKTQRIVLRFAAVTHSAKVYVNGTLLCEHKGGFLPFETEIPENLIRDENLLTVAVDNRI
DHSTLPVGREDESNVLGGSFFPYTPTKKQNKPNFDFFNYCGITRPVKLYTTPKDAYISDITLTSSLENNTARINYKIDTK
GSAHTAIGVYTKQGVCVAQTENTGTEGSLTIENAVLWEPLKPYLYEVKISFGEDRYTLPYGIRSVAVKGNKFLINNKPFY
FKGYGKHEDTFPAGRGLNMPMNAKDISLMKWQGANSFRTSHYPYSEEMMRLCDEEGIVVIDETTAVGVHLNFGGGAALKD
GKRVNTFDPIEQGGIRTQSHHKEVIKDLIARDKNHACVVMWSIANEADTGSKGAYEYFKPLFDLARELDPQKRPCTLVSL
QMVNYKEDCTIKLSDVFCLNRYYGWYTCGADLQAAEKMCREELEFWNSLGKPFMYTEYGADTVMGLHDTTDSMFTEEYQV
EYYKTNHKVTDTLDCFIGEQVWNFADFATSQGLIRVQGNKKGLFTRDRKPKLAAHYFKERWSKIPDFGYKK
;
_entity_poly.pdbx_strand_id   A,B
#
loop_
_chem_comp.id
_chem_comp.type
_chem_comp.name
_chem_comp.formula
E0V non-polymer 4-(4-beta-D-glucopyranuronosylpiperazin-1-yl)-2,7-bis(methylamino)pyrido[3',2':4,5]thieno[3,2-d]pyrimidine 'C21 H27 N7 O6 S'
SO4 non-polymer 'SULFATE ION' 'O4 S -2'
#
# COMPACT_ATOMS: atom_id res chain seq x y z
N ASN A 23 -29.08 0.99 -5.85
CA ASN A 23 -28.67 0.67 -4.48
C ASN A 23 -27.75 -0.55 -4.41
N ALA A 24 -28.06 -1.56 -5.23
CA ALA A 24 -27.26 -2.77 -5.32
C ALA A 24 -25.82 -2.42 -5.66
N MET A 25 -24.88 -3.06 -4.97
CA MET A 25 -23.48 -2.70 -5.15
C MET A 25 -22.64 -3.98 -5.02
N LEU A 26 -22.69 -4.82 -6.06
CA LEU A 26 -21.80 -5.99 -6.11
C LEU A 26 -20.34 -5.57 -6.23
N TYR A 27 -19.47 -6.28 -5.53
CA TYR A 27 -18.03 -5.98 -5.59
C TYR A 27 -17.51 -6.25 -7.00
N PRO A 28 -16.82 -5.30 -7.64
CA PRO A 28 -16.36 -5.52 -9.02
C PRO A 28 -15.24 -6.54 -9.10
N ILE A 29 -15.44 -7.51 -10.01
CA ILE A 29 -14.50 -8.61 -10.22
C ILE A 29 -14.34 -8.83 -11.72
N LEU A 30 -13.18 -9.36 -12.09
CA LEU A 30 -12.89 -9.76 -13.46
C LEU A 30 -13.58 -11.09 -13.73
N THR A 31 -14.48 -11.11 -14.71
CA THR A 31 -15.18 -12.34 -15.09
C THR A 31 -15.16 -12.51 -16.60
N GLN A 32 -15.69 -13.65 -17.06
CA GLN A 32 -15.77 -13.90 -18.50
C GLN A 32 -16.59 -12.86 -19.23
N SER A 33 -17.39 -12.09 -18.51
CA SER A 33 -18.26 -11.08 -19.12
C SER A 33 -17.99 -9.67 -18.62
N ARG A 34 -16.97 -9.47 -17.78
CA ARG A 34 -16.80 -8.18 -17.12
C ARG A 34 -15.32 -7.81 -17.09
N MET A 35 -14.97 -6.71 -17.77
CA MET A 35 -13.68 -6.09 -17.56
C MET A 35 -13.58 -5.48 -16.17
N LEU A 36 -12.34 -5.33 -15.70
CA LEU A 36 -12.06 -4.59 -14.47
C LEU A 36 -10.74 -3.86 -14.68
N ILE A 37 -10.81 -2.53 -14.77
CA ILE A 37 -9.64 -1.70 -15.03
C ILE A 37 -9.45 -0.81 -13.81
N ASP A 38 -8.37 -1.04 -13.07
CA ASP A 38 -8.07 -0.21 -11.92
C ASP A 38 -7.52 1.13 -12.38
N LEU A 39 -8.12 2.21 -11.91
CA LEU A 39 -7.67 3.56 -12.29
C LEU A 39 -6.79 4.18 -11.22
N SER A 40 -6.39 3.39 -10.23
CA SER A 40 -5.49 3.87 -9.20
C SER A 40 -4.11 4.18 -9.79
N GLY A 41 -3.39 5.04 -9.12
CA GLY A 41 -2.08 5.46 -9.57
C GLY A 41 -1.78 6.85 -9.05
N THR A 42 -0.99 7.58 -9.82
CA THR A 42 -0.65 8.95 -9.49
C THR A 42 -1.57 9.89 -10.25
N TRP A 43 -2.38 10.65 -9.52
CA TRP A 43 -3.30 11.60 -10.11
C TRP A 43 -2.79 13.02 -9.89
N ARG A 44 -3.28 13.92 -10.74
CA ARG A 44 -3.07 15.34 -10.51
C ARG A 44 -3.99 15.82 -9.38
N PHE A 45 -3.53 16.81 -8.62
CA PHE A 45 -4.21 17.21 -7.39
C PHE A 45 -4.06 18.70 -7.19
N LYS A 46 -5.15 19.38 -6.86
CA LYS A 46 -5.10 20.83 -6.65
C LYS A 46 -6.06 21.21 -5.53
N LEU A 47 -5.56 21.93 -4.53
CA LEU A 47 -6.42 22.50 -3.51
C LEU A 47 -7.31 23.58 -4.12
N ASP A 48 -8.57 23.59 -3.72
CA ASP A 48 -9.44 24.69 -4.10
C ASP A 48 -9.13 25.90 -3.24
N ASP A 49 -9.24 27.10 -3.84
CA ASP A 49 -9.05 28.34 -3.09
C ASP A 49 -10.35 29.12 -2.93
N GLY A 50 -11.48 28.52 -3.28
CA GLY A 50 -12.76 29.19 -3.26
C GLY A 50 -13.31 29.49 -4.63
N SER A 51 -12.48 29.41 -5.67
CA SER A 51 -12.87 29.76 -7.02
C SER A 51 -12.85 28.59 -8.00
N GLY A 52 -12.56 27.37 -7.53
CA GLY A 52 -12.36 26.26 -8.46
C GLY A 52 -13.60 25.90 -9.24
N PHE A 53 -14.76 25.95 -8.59
CA PHE A 53 -16.00 25.69 -9.32
C PHE A 53 -16.39 26.89 -10.18
N GLU A 54 -16.32 28.11 -9.61
CA GLU A 54 -16.60 29.31 -10.38
C GLU A 54 -15.75 29.37 -11.64
N LYS A 55 -14.46 29.06 -11.52
CA LYS A 55 -13.55 29.04 -12.66
C LYS A 55 -13.63 27.75 -13.48
N LYS A 56 -14.47 26.79 -13.09
CA LYS A 56 -14.72 25.55 -13.84
C LYS A 56 -13.41 24.80 -14.16
N TRP A 57 -12.66 24.50 -13.08
CA TRP A 57 -11.40 23.79 -13.25
C TRP A 57 -11.60 22.40 -13.85
N TYR A 58 -12.77 21.80 -13.63
CA TYR A 58 -13.02 20.45 -14.13
C TYR A 58 -13.12 20.38 -15.65
N GLU A 59 -13.12 21.52 -16.34
CA GLU A 59 -13.30 21.54 -17.78
C GLU A 59 -11.98 21.49 -18.55
N LYS A 60 -10.84 21.71 -17.91
CA LYS A 60 -9.54 21.60 -18.55
C LYS A 60 -8.60 20.82 -17.65
N THR A 61 -7.39 20.55 -18.17
CA THR A 61 -6.33 19.99 -17.35
C THR A 61 -6.04 20.90 -16.17
N LEU A 62 -5.81 20.30 -15.00
CA LEU A 62 -5.45 21.09 -13.83
C LEU A 62 -4.10 21.75 -14.07
N ASP A 63 -4.05 23.07 -13.88
CA ASP A 63 -2.84 23.84 -14.08
C ASP A 63 -2.16 24.11 -12.74
N ASP A 64 -0.84 23.98 -12.71
CA ASP A 64 -0.06 24.25 -11.49
C ASP A 64 -0.52 23.35 -10.35
N ALA A 65 -0.56 22.05 -10.62
CA ALA A 65 -1.08 21.07 -9.70
C ALA A 65 0.07 20.28 -9.05
N GLN A 66 -0.28 19.53 -8.02
CA GLN A 66 0.63 18.58 -7.39
C GLN A 66 0.27 17.18 -7.91
N LEU A 67 0.98 16.18 -7.41
CA LEU A 67 0.67 14.78 -7.71
C LEU A 67 0.29 14.07 -6.43
N MET A 68 -0.73 13.18 -6.46
CA MET A 68 -1.13 12.67 -5.16
C MET A 68 -1.46 11.20 -5.45
N PRO A 69 -1.03 10.26 -4.63
CA PRO A 69 -1.37 8.84 -4.87
C PRO A 69 -2.85 8.57 -4.64
N VAL A 70 -3.42 7.68 -5.44
CA VAL A 70 -4.81 7.21 -5.33
C VAL A 70 -4.78 5.68 -5.36
N PRO A 71 -5.37 4.97 -4.38
CA PRO A 71 -6.12 5.47 -3.24
C PRO A 71 -5.24 5.93 -2.11
N SER A 72 -5.70 6.93 -1.36
CA SER A 72 -5.02 7.45 -0.19
C SER A 72 -5.83 8.60 0.36
N SER A 73 -5.67 8.85 1.66
CA SER A 73 -6.04 10.16 2.18
C SER A 73 -4.95 11.15 1.75
N TYR A 74 -5.34 12.39 1.49
CA TYR A 74 -4.32 13.32 1.02
C TYR A 74 -3.58 14.04 2.14
N ASN A 75 -4.07 13.96 3.37
CA ASN A 75 -3.63 14.90 4.42
C ASN A 75 -2.17 14.72 4.84
N ASP A 76 -1.63 13.50 4.79
CA ASP A 76 -0.30 13.23 5.33
C ASP A 76 0.75 12.90 4.29
N ILE A 77 0.43 13.00 2.99
CA ILE A 77 1.39 12.60 1.97
C ILE A 77 2.53 13.61 1.87
N LYS A 78 2.21 14.90 1.92
CA LYS A 78 3.21 15.97 1.84
C LYS A 78 3.63 16.40 3.25
N GLU A 79 4.40 17.49 3.36
CA GLU A 79 4.81 18.05 4.66
C GLU A 79 4.15 19.40 4.93
N SER A 80 2.96 19.62 4.40
CA SER A 80 2.32 20.92 4.42
C SER A 80 1.20 20.94 5.45
N ALA A 81 1.32 21.81 6.45
CA ALA A 81 0.20 21.95 7.38
C ALA A 81 -1.02 22.53 6.69
N ASP A 82 -0.80 23.38 5.69
CA ASP A 82 -1.93 23.96 4.98
C ASP A 82 -2.73 22.87 4.26
N LEU A 83 -2.05 21.91 3.65
N LEU A 83 -2.05 21.89 3.67
CA LEU A 83 -2.74 20.80 3.00
CA LEU A 83 -2.73 20.79 2.99
C LEU A 83 -3.43 19.90 4.03
C LEU A 83 -3.41 19.86 3.99
N ARG A 84 -2.70 19.51 5.07
CA ARG A 84 -3.24 18.62 6.09
C ARG A 84 -4.54 19.18 6.70
N ASP A 85 -4.53 20.46 7.05
CA ASP A 85 -5.63 21.10 7.77
C ASP A 85 -6.57 21.86 6.86
N HIS A 86 -6.45 21.66 5.54
CA HIS A 86 -7.29 22.34 4.56
C HIS A 86 -8.78 22.23 4.88
N TYR A 87 -9.52 23.28 4.57
CA TYR A 87 -10.96 23.32 4.78
C TYR A 87 -11.63 23.49 3.43
N GLY A 88 -12.49 22.54 3.07
CA GLY A 88 -13.22 22.67 1.82
C GLY A 88 -12.88 21.64 0.78
N TRP A 89 -12.77 22.08 -0.47
CA TRP A 89 -12.70 21.19 -1.62
C TRP A 89 -11.26 21.02 -2.10
N VAL A 90 -10.99 19.86 -2.72
CA VAL A 90 -9.81 19.61 -3.52
C VAL A 90 -10.27 18.99 -4.83
N PHE A 91 -9.42 19.08 -5.86
CA PHE A 91 -9.68 18.50 -7.17
C PHE A 91 -8.62 17.48 -7.53
N TYR A 92 -9.07 16.27 -7.89
CA TYR A 92 -8.21 15.22 -8.44
C TYR A 92 -8.51 15.10 -9.92
N GLN A 93 -7.50 14.69 -10.70
CA GLN A 93 -7.75 14.52 -12.11
C GLN A 93 -6.77 13.53 -12.74
N ARG A 94 -7.25 12.72 -13.68
CA ARG A 94 -6.36 11.89 -14.46
C ARG A 94 -6.87 11.76 -15.88
N ASP A 95 -5.99 11.29 -16.75
CA ASP A 95 -6.33 11.06 -18.15
C ASP A 95 -7.02 9.70 -18.24
N LEU A 96 -7.92 9.55 -19.22
CA LEU A 96 -8.66 8.29 -19.36
C LEU A 96 -8.79 7.96 -20.86
N ASN A 97 -7.82 7.24 -21.38
CA ASN A 97 -7.76 6.87 -22.79
C ASN A 97 -8.07 5.38 -22.88
N ILE A 98 -9.29 5.06 -23.32
CA ILE A 98 -9.76 3.68 -23.28
C ILE A 98 -10.07 3.17 -24.68
N PRO A 99 -9.99 1.86 -24.91
CA PRO A 99 -10.33 1.32 -26.24
C PRO A 99 -11.78 1.54 -26.60
N ALA A 100 -12.01 1.88 -27.88
CA ALA A 100 -13.37 2.12 -28.35
C ALA A 100 -14.21 0.86 -28.28
N TYR A 101 -13.59 -0.32 -28.41
CA TYR A 101 -14.31 -1.57 -28.31
C TYR A 101 -15.08 -1.69 -26.99
N LEU A 102 -14.65 -0.96 -25.96
CA LEU A 102 -15.38 -0.99 -24.70
C LEU A 102 -16.77 -0.44 -24.85
N LYS A 103 -16.99 0.43 -25.83
CA LYS A 103 -18.32 1.03 -26.03
C LYS A 103 -19.36 0.00 -26.42
N THR A 104 -18.95 -1.19 -26.87
CA THR A 104 -19.92 -2.25 -27.12
C THR A 104 -20.48 -2.84 -25.84
N GLN A 105 -19.87 -2.54 -24.68
CA GLN A 105 -20.35 -2.97 -23.37
C GLN A 105 -20.94 -1.78 -22.61
N ARG A 106 -21.61 -2.08 -21.51
CA ARG A 106 -22.00 -1.07 -20.55
C ARG A 106 -20.77 -0.71 -19.73
N ILE A 107 -20.41 0.58 -19.69
CA ILE A 107 -19.18 1.03 -19.04
C ILE A 107 -19.55 1.72 -17.74
N VAL A 108 -19.01 1.22 -16.62
CA VAL A 108 -19.34 1.75 -15.31
C VAL A 108 -18.08 2.23 -14.60
N LEU A 109 -18.18 3.38 -13.96
CA LEU A 109 -17.12 3.92 -13.12
C LEU A 109 -17.54 3.71 -11.66
N ARG A 110 -16.72 2.95 -10.91
CA ARG A 110 -17.02 2.63 -9.52
C ARG A 110 -16.05 3.32 -8.58
N PHE A 111 -16.58 4.12 -7.66
CA PHE A 111 -15.79 4.74 -6.60
C PHE A 111 -16.05 3.98 -5.31
N ALA A 112 -15.04 3.22 -4.85
CA ALA A 112 -15.23 2.45 -3.60
C ALA A 112 -15.44 3.36 -2.39
N ALA A 113 -14.74 4.49 -2.32
CA ALA A 113 -15.07 5.48 -1.32
C ALA A 113 -14.37 6.78 -1.66
N VAL A 114 -15.10 7.89 -1.53
CA VAL A 114 -14.54 9.23 -1.63
C VAL A 114 -15.00 10.00 -0.40
N THR A 115 -14.06 10.48 0.41
CA THR A 115 -14.35 11.03 1.73
C THR A 115 -14.15 12.54 1.69
N HIS A 116 -15.22 13.33 1.93
CA HIS A 116 -16.55 12.89 2.39
C HIS A 116 -17.60 12.91 1.29
N SER A 117 -17.55 13.94 0.44
CA SER A 117 -18.51 14.13 -0.64
C SER A 117 -17.75 14.36 -1.93
N ALA A 118 -18.40 14.02 -3.05
CA ALA A 118 -17.73 13.94 -4.34
C ALA A 118 -18.61 14.47 -5.46
N LYS A 119 -17.98 15.12 -6.41
CA LYS A 119 -18.57 15.44 -7.70
C LYS A 119 -17.66 14.84 -8.76
N VAL A 120 -18.21 14.06 -9.67
CA VAL A 120 -17.42 13.35 -10.66
C VAL A 120 -17.74 13.92 -12.03
N TYR A 121 -16.70 14.26 -12.78
CA TYR A 121 -16.82 14.85 -14.11
C TYR A 121 -16.05 14.02 -15.12
N VAL A 122 -16.63 13.82 -16.31
CA VAL A 122 -15.91 13.29 -17.45
C VAL A 122 -15.97 14.34 -18.56
N ASN A 123 -14.80 14.84 -18.95
CA ASN A 123 -14.69 15.84 -20.01
C ASN A 123 -15.57 17.07 -19.69
N GLY A 124 -15.52 17.52 -18.45
CA GLY A 124 -16.28 18.69 -18.06
C GLY A 124 -17.76 18.48 -17.84
N THR A 125 -18.27 17.26 -18.05
CA THR A 125 -19.67 16.97 -17.81
C THR A 125 -19.83 16.29 -16.45
N LEU A 126 -20.68 16.85 -15.59
CA LEU A 126 -20.94 16.27 -14.28
C LEU A 126 -21.76 14.98 -14.43
N LEU A 127 -21.16 13.85 -14.07
CA LEU A 127 -21.82 12.55 -14.15
C LEU A 127 -22.56 12.16 -12.89
N CYS A 128 -21.98 12.42 -11.71
CA CYS A 128 -22.69 12.06 -10.48
C CYS A 128 -22.13 12.85 -9.32
N GLU A 129 -22.89 12.83 -8.23
CA GLU A 129 -22.53 13.45 -6.97
C GLU A 129 -22.84 12.44 -5.86
N HIS A 130 -22.09 12.50 -4.76
CA HIS A 130 -22.31 11.54 -3.70
C HIS A 130 -22.01 12.18 -2.36
N LYS A 131 -22.84 11.86 -1.36
CA LYS A 131 -22.63 12.26 0.02
C LYS A 131 -22.42 11.02 0.87
N GLY A 132 -21.38 11.03 1.71
CA GLY A 132 -21.07 9.83 2.48
C GLY A 132 -19.71 9.26 2.14
N GLY A 133 -18.76 9.43 3.04
CA GLY A 133 -17.38 9.21 2.69
C GLY A 133 -16.88 7.79 2.76
N PHE A 134 -17.73 6.80 3.06
CA PHE A 134 -17.20 5.48 3.40
C PHE A 134 -17.91 4.32 2.74
N LEU A 135 -18.73 4.57 1.72
CA LEU A 135 -19.49 3.54 1.03
C LEU A 135 -19.42 3.82 -0.47
N PRO A 136 -19.50 2.78 -1.29
CA PRO A 136 -19.24 2.95 -2.72
C PRO A 136 -20.38 3.61 -3.47
N PHE A 137 -20.04 4.17 -4.63
CA PHE A 137 -21.01 4.71 -5.57
C PHE A 137 -20.48 4.55 -6.98
N GLU A 138 -21.39 4.58 -7.96
CA GLU A 138 -20.97 4.30 -9.31
C GLU A 138 -21.86 5.07 -10.28
N THR A 139 -21.39 5.20 -11.52
CA THR A 139 -22.13 5.87 -12.57
C THR A 139 -21.76 5.25 -13.91
N GLU A 140 -22.77 5.02 -14.76
CA GLU A 140 -22.50 4.67 -16.14
C GLU A 140 -21.87 5.87 -16.84
N ILE A 141 -20.93 5.62 -17.73
CA ILE A 141 -20.41 6.64 -18.62
C ILE A 141 -21.22 6.57 -19.92
N PRO A 142 -22.03 7.57 -20.24
CA PRO A 142 -22.74 7.56 -21.53
C PRO A 142 -21.74 7.52 -22.67
N GLU A 143 -21.97 6.61 -23.62
CA GLU A 143 -20.98 6.43 -24.66
C GLU A 143 -20.87 7.67 -25.56
N ASN A 144 -21.92 8.50 -25.59
CA ASN A 144 -21.84 9.77 -26.32
C ASN A 144 -20.80 10.71 -25.75
N LEU A 145 -20.41 10.54 -24.48
CA LEU A 145 -19.44 11.45 -23.87
C LEU A 145 -18.00 11.04 -24.14
N ILE A 146 -17.76 9.76 -24.38
CA ILE A 146 -16.40 9.25 -24.54
C ILE A 146 -15.80 9.78 -25.83
N ARG A 147 -14.72 10.54 -25.71
CA ARG A 147 -13.97 11.01 -26.86
C ARG A 147 -12.72 10.14 -27.01
N ASP A 148 -11.90 10.47 -28.01
CA ASP A 148 -10.64 9.75 -28.20
C ASP A 148 -9.73 9.90 -26.99
N GLU A 149 -9.65 11.09 -26.42
CA GLU A 149 -8.89 11.33 -25.20
C GLU A 149 -9.84 11.96 -24.19
N ASN A 150 -9.79 11.50 -22.95
CA ASN A 150 -10.74 11.95 -21.94
C ASN A 150 -10.02 12.37 -20.67
N LEU A 151 -10.68 13.27 -19.93
CA LEU A 151 -10.25 13.72 -18.62
C LEU A 151 -11.29 13.31 -17.59
N LEU A 152 -10.83 12.70 -16.51
CA LEU A 152 -11.66 12.35 -15.36
C LEU A 152 -11.27 13.25 -14.21
N THR A 153 -12.22 14.04 -13.71
CA THR A 153 -11.99 14.94 -12.60
C THR A 153 -12.91 14.58 -11.43
N VAL A 154 -12.36 14.56 -10.23
CA VAL A 154 -13.13 14.22 -9.04
C VAL A 154 -12.89 15.31 -8.02
N ALA A 155 -13.95 16.05 -7.68
CA ALA A 155 -13.90 17.06 -6.64
C ALA A 155 -14.33 16.42 -5.34
N VAL A 156 -13.57 16.68 -4.27
CA VAL A 156 -13.73 16.01 -2.99
C VAL A 156 -13.89 17.07 -1.91
N ASP A 157 -14.96 16.96 -1.14
CA ASP A 157 -15.29 17.92 -0.09
C ASP A 157 -14.99 17.30 1.26
N ASN A 158 -14.33 18.04 2.16
CA ASN A 158 -13.98 17.49 3.46
C ASN A 158 -14.80 18.06 4.61
N ARG A 159 -15.77 18.91 4.32
CA ARG A 159 -16.42 19.70 5.36
C ARG A 159 -17.43 18.86 6.12
N ILE A 160 -17.50 19.07 7.43
CA ILE A 160 -18.40 18.32 8.30
C ILE A 160 -19.19 19.31 9.16
N ASP A 161 -20.42 18.94 9.48
CA ASP A 161 -21.30 19.79 10.29
C ASP A 161 -22.44 18.94 10.87
N HIS A 162 -23.52 19.61 11.31
CA HIS A 162 -24.62 18.91 11.95
C HIS A 162 -25.44 18.06 10.98
N SER A 163 -25.11 18.07 9.69
CA SER A 163 -25.84 17.31 8.68
C SER A 163 -25.04 16.14 8.11
N THR A 164 -23.76 16.02 8.44
CA THR A 164 -22.91 14.97 7.91
C THR A 164 -22.78 13.82 8.92
N LEU A 165 -22.47 12.64 8.40
CA LEU A 165 -22.03 11.53 9.22
C LEU A 165 -20.66 11.11 8.69
N PRO A 166 -19.58 11.25 9.48
CA PRO A 166 -19.60 11.71 10.88
C PRO A 166 -19.91 13.20 11.05
N VAL A 167 -20.34 13.55 12.28
CA VAL A 167 -20.83 14.89 12.61
C VAL A 167 -19.66 15.83 12.90
N GLY A 168 -19.74 17.05 12.36
CA GLY A 168 -18.81 18.11 12.72
C GLY A 168 -19.50 19.11 13.63
N ARG A 169 -18.75 19.68 14.56
CA ARG A 169 -19.30 20.73 15.39
C ARG A 169 -19.43 22.02 14.57
N GLU A 170 -20.35 22.87 15.00
CA GLU A 170 -20.52 24.18 14.38
C GLU A 170 -20.15 25.26 15.39
N ASP A 171 -20.96 25.49 16.42
CA ASP A 171 -20.62 26.50 17.42
C ASP A 171 -20.14 25.92 18.75
N GLU A 172 -20.16 24.59 18.92
CA GLU A 172 -19.79 23.96 20.19
C GLU A 172 -18.30 24.05 20.47
N PHE A 181 -7.65 30.57 27.47
CA PHE A 181 -7.43 31.93 26.99
C PHE A 181 -7.86 32.02 25.53
N PRO A 182 -9.10 32.46 25.32
CA PRO A 182 -9.71 32.39 23.99
C PRO A 182 -8.84 33.03 22.91
N TYR A 183 -8.88 32.44 21.72
CA TYR A 183 -8.08 32.93 20.61
C TYR A 183 -8.88 32.80 19.32
N THR A 184 -8.49 33.60 18.32
CA THR A 184 -9.11 33.57 17.00
C THR A 184 -8.26 32.73 16.07
N PRO A 185 -8.77 31.64 15.48
CA PRO A 185 -7.94 30.82 14.59
C PRO A 185 -7.48 31.58 13.36
N THR A 186 -6.30 31.22 12.86
CA THR A 186 -5.78 31.84 11.64
C THR A 186 -6.70 31.58 10.46
N LYS A 187 -7.16 30.34 10.33
CA LYS A 187 -8.02 29.92 9.22
C LYS A 187 -9.18 29.11 9.77
N LYS A 188 -10.26 29.08 9.01
CA LYS A 188 -11.37 28.20 9.35
C LYS A 188 -10.94 26.75 9.17
N GLN A 189 -11.33 25.91 10.13
CA GLN A 189 -11.03 24.49 10.15
C GLN A 189 -12.31 23.72 10.45
N ASN A 190 -12.37 22.47 9.99
CA ASN A 190 -13.39 21.57 10.49
C ASN A 190 -13.20 21.34 11.98
N LYS A 191 -14.29 21.03 12.66
CA LYS A 191 -14.26 20.76 14.10
C LYS A 191 -14.92 19.41 14.34
N PRO A 192 -14.15 18.32 14.21
CA PRO A 192 -14.74 16.98 14.38
C PRO A 192 -15.43 16.83 15.73
N ASN A 193 -16.65 16.30 15.69
CA ASN A 193 -17.34 15.80 16.87
C ASN A 193 -17.05 14.32 17.10
N PHE A 194 -15.79 13.93 16.88
CA PHE A 194 -15.37 12.54 16.99
C PHE A 194 -13.87 12.53 17.19
N ASP A 195 -13.38 11.43 17.76
CA ASP A 195 -11.99 11.33 18.21
C ASP A 195 -11.13 10.59 17.18
N PHE A 196 -11.16 11.02 15.93
CA PHE A 196 -10.19 10.56 14.95
C PHE A 196 -9.98 11.65 13.90
N PHE A 197 -8.82 11.64 13.27
CA PHE A 197 -8.48 12.72 12.34
C PHE A 197 -9.35 12.65 11.09
N ASN A 198 -9.73 13.84 10.59
CA ASN A 198 -10.64 13.97 9.47
C ASN A 198 -9.94 13.69 8.14
N TYR A 199 -9.42 12.46 7.99
CA TYR A 199 -8.70 12.09 6.78
C TYR A 199 -9.65 12.07 5.57
N CYS A 200 -9.29 12.80 4.52
CA CYS A 200 -10.16 12.90 3.35
C CYS A 200 -9.39 12.66 2.06
N GLY A 201 -10.14 12.47 0.96
CA GLY A 201 -9.53 12.23 -0.32
C GLY A 201 -10.18 11.03 -1.01
N ILE A 202 -9.51 10.52 -2.04
CA ILE A 202 -10.00 9.30 -2.70
C ILE A 202 -9.48 8.10 -1.92
N THR A 203 -10.21 7.76 -0.86
CA THR A 203 -9.76 6.83 0.17
C THR A 203 -9.58 5.41 -0.36
N ARG A 204 -10.40 4.98 -1.29
CA ARG A 204 -10.41 3.61 -1.79
C ARG A 204 -10.38 3.62 -3.32
N PRO A 205 -10.09 2.47 -3.95
CA PRO A 205 -9.82 2.48 -5.40
C PRO A 205 -10.97 3.02 -6.23
N VAL A 206 -10.60 3.64 -7.36
CA VAL A 206 -11.49 3.97 -8.46
C VAL A 206 -11.25 2.96 -9.56
N LYS A 207 -12.34 2.35 -10.05
CA LYS A 207 -12.19 1.35 -11.11
C LYS A 207 -13.24 1.57 -12.20
N LEU A 208 -12.84 1.25 -13.42
CA LEU A 208 -13.73 1.07 -14.55
C LEU A 208 -14.06 -0.41 -14.70
N TYR A 209 -15.35 -0.73 -14.82
CA TYR A 209 -15.71 -2.12 -15.11
C TYR A 209 -16.77 -2.13 -16.20
N THR A 210 -16.99 -3.29 -16.79
CA THR A 210 -18.02 -3.39 -17.82
C THR A 210 -18.94 -4.56 -17.50
N THR A 211 -20.15 -4.50 -18.07
CA THR A 211 -21.04 -5.67 -18.12
C THR A 211 -21.62 -5.71 -19.52
N PRO A 212 -22.27 -6.79 -19.92
CA PRO A 212 -23.07 -6.74 -21.15
C PRO A 212 -24.11 -5.65 -21.07
N LYS A 213 -24.43 -5.06 -22.24
CA LYS A 213 -25.37 -3.95 -22.30
C LYS A 213 -26.81 -4.39 -22.05
N ASP A 214 -27.21 -5.52 -22.66
CA ASP A 214 -28.63 -5.85 -22.80
C ASP A 214 -29.18 -6.72 -21.68
N ALA A 215 -28.33 -7.49 -21.00
CA ALA A 215 -28.80 -8.29 -19.88
C ALA A 215 -27.65 -8.49 -18.91
N TYR A 216 -27.84 -8.12 -17.65
CA TYR A 216 -26.75 -8.29 -16.70
C TYR A 216 -27.31 -8.46 -15.29
N ILE A 217 -26.46 -8.98 -14.41
CA ILE A 217 -26.81 -9.20 -13.00
C ILE A 217 -26.62 -7.90 -12.22
N SER A 218 -27.67 -7.44 -11.54
CA SER A 218 -27.51 -6.24 -10.74
C SER A 218 -27.29 -6.51 -9.27
N ASP A 219 -27.87 -7.57 -8.71
CA ASP A 219 -27.65 -7.88 -7.30
C ASP A 219 -27.81 -9.37 -7.09
N ILE A 220 -27.18 -9.85 -6.01
CA ILE A 220 -27.31 -11.24 -5.58
C ILE A 220 -27.52 -11.22 -4.07
N THR A 221 -28.52 -11.95 -3.59
CA THR A 221 -28.77 -12.08 -2.17
C THR A 221 -28.79 -13.57 -1.82
N LEU A 222 -27.95 -13.96 -0.85
CA LEU A 222 -27.87 -15.34 -0.37
C LEU A 222 -28.14 -15.38 1.12
N THR A 223 -28.96 -16.34 1.54
CA THR A 223 -29.15 -16.66 2.95
C THR A 223 -29.02 -18.16 3.14
N SER A 224 -28.89 -18.58 4.40
CA SER A 224 -28.67 -19.97 4.76
C SER A 224 -29.83 -20.48 5.61
N SER A 225 -30.23 -21.73 5.38
CA SER A 225 -31.23 -22.41 6.21
C SER A 225 -30.66 -23.75 6.66
N LEU A 226 -30.60 -23.95 7.97
CA LEU A 226 -29.89 -25.08 8.57
C LEU A 226 -30.78 -26.04 9.34
N GLU A 227 -32.10 -25.85 9.34
CA GLU A 227 -32.97 -26.70 10.14
C GLU A 227 -33.16 -28.08 9.50
N ASN A 228 -33.63 -29.02 10.31
CA ASN A 228 -33.91 -30.40 9.87
C ASN A 228 -32.66 -31.09 9.33
N ASN A 229 -31.50 -30.68 9.86
CA ASN A 229 -30.21 -31.27 9.51
C ASN A 229 -29.93 -31.23 8.01
N THR A 230 -30.49 -30.24 7.31
N THR A 230 -30.47 -30.21 7.32
CA THR A 230 -30.25 -30.05 5.88
CA THR A 230 -30.31 -30.01 5.88
C THR A 230 -29.84 -28.60 5.66
C THR A 230 -29.84 -28.57 5.66
N ALA A 231 -28.59 -28.40 5.24
CA ALA A 231 -28.10 -27.07 4.93
C ALA A 231 -28.53 -26.68 3.53
N ARG A 232 -29.16 -25.50 3.39
CA ARG A 232 -29.58 -25.00 2.10
C ARG A 232 -29.14 -23.55 1.92
N ILE A 233 -28.87 -23.19 0.67
CA ILE A 233 -28.64 -21.80 0.29
C ILE A 233 -29.88 -21.31 -0.45
N ASN A 234 -30.47 -20.23 0.04
CA ASN A 234 -31.57 -19.54 -0.63
C ASN A 234 -31.00 -18.38 -1.43
N TYR A 235 -31.40 -18.27 -2.69
CA TYR A 235 -30.87 -17.20 -3.53
C TYR A 235 -31.98 -16.31 -4.06
N LYS A 236 -31.63 -15.05 -4.28
CA LYS A 236 -32.45 -14.11 -5.01
C LYS A 236 -31.53 -13.33 -5.94
N ILE A 237 -31.80 -13.42 -7.24
CA ILE A 237 -30.93 -12.82 -8.26
C ILE A 237 -31.69 -11.69 -8.95
N ASP A 238 -31.20 -10.47 -8.81
CA ASP A 238 -31.84 -9.31 -9.41
C ASP A 238 -31.11 -8.99 -10.71
N THR A 239 -31.87 -8.73 -11.77
CA THR A 239 -31.30 -8.61 -13.10
C THR A 239 -31.90 -7.40 -13.82
N LYS A 240 -31.22 -6.98 -14.90
CA LYS A 240 -31.74 -6.01 -15.83
C LYS A 240 -31.73 -6.64 -17.22
N GLY A 241 -32.83 -6.51 -17.94
CA GLY A 241 -32.95 -7.16 -19.24
C GLY A 241 -33.65 -8.50 -19.14
N SER A 242 -33.69 -9.20 -20.27
CA SER A 242 -34.45 -10.43 -20.38
C SER A 242 -33.52 -11.55 -20.82
N ALA A 243 -33.41 -12.60 -20.01
CA ALA A 243 -32.49 -13.69 -20.28
C ALA A 243 -32.79 -14.85 -19.33
N HIS A 244 -31.95 -15.88 -19.39
CA HIS A 244 -32.10 -17.08 -18.59
C HIS A 244 -31.08 -17.04 -17.45
N THR A 245 -31.50 -17.48 -16.27
CA THR A 245 -30.68 -17.46 -15.06
C THR A 245 -30.19 -18.86 -14.71
N ALA A 246 -28.94 -18.98 -14.26
CA ALA A 246 -28.43 -20.25 -13.74
C ALA A 246 -27.58 -19.98 -12.51
N ILE A 247 -27.46 -20.99 -11.64
CA ILE A 247 -26.67 -20.85 -10.41
C ILE A 247 -26.03 -22.19 -10.07
N GLY A 248 -24.76 -22.14 -9.70
CA GLY A 248 -24.06 -23.32 -9.21
C GLY A 248 -23.24 -22.97 -7.98
N VAL A 249 -23.12 -23.96 -7.09
CA VAL A 249 -22.34 -23.83 -5.86
C VAL A 249 -21.19 -24.83 -5.94
N TYR A 250 -19.98 -24.36 -5.62
CA TYR A 250 -18.75 -25.12 -5.81
C TYR A 250 -17.89 -25.11 -4.56
N THR A 251 -17.29 -26.24 -4.23
CA THR A 251 -16.36 -26.27 -3.10
C THR A 251 -15.07 -25.52 -3.46
N LYS A 252 -14.17 -25.44 -2.47
CA LYS A 252 -12.84 -24.89 -2.68
C LYS A 252 -12.14 -25.52 -3.88
N GLN A 253 -12.10 -26.85 -3.92
CA GLN A 253 -11.39 -27.55 -4.98
C GLN A 253 -12.10 -27.51 -6.32
N GLY A 254 -13.27 -26.87 -6.41
CA GLY A 254 -13.98 -26.74 -7.68
C GLY A 254 -15.03 -27.79 -7.97
N VAL A 255 -15.39 -28.62 -6.99
CA VAL A 255 -16.42 -29.65 -7.18
C VAL A 255 -17.79 -28.98 -7.08
N CYS A 256 -18.63 -29.20 -8.07
CA CYS A 256 -19.99 -28.69 -8.02
C CYS A 256 -20.81 -29.49 -7.01
N VAL A 257 -21.35 -28.83 -6.00
CA VAL A 257 -22.19 -29.52 -5.02
C VAL A 257 -23.67 -29.24 -5.19
N ALA A 258 -24.05 -28.25 -6.00
CA ALA A 258 -25.46 -28.04 -6.32
C ALA A 258 -25.52 -27.11 -7.53
N GLN A 259 -26.52 -27.32 -8.38
CA GLN A 259 -26.65 -26.43 -9.53
C GLN A 259 -28.02 -26.58 -10.15
N THR A 260 -28.47 -25.52 -10.80
CA THR A 260 -29.69 -25.55 -11.58
C THR A 260 -29.60 -24.50 -12.68
N GLU A 261 -30.35 -24.71 -13.75
CA GLU A 261 -30.31 -23.84 -14.92
C GLU A 261 -31.75 -23.45 -15.28
N ASN A 262 -31.90 -22.32 -15.98
CA ASN A 262 -33.23 -21.78 -16.26
C ASN A 262 -34.08 -21.69 -15.00
N THR A 263 -33.50 -21.08 -13.98
CA THR A 263 -34.21 -21.04 -12.72
CA THR A 263 -34.09 -20.95 -12.66
C THR A 263 -35.00 -19.74 -12.60
N GLY A 264 -35.73 -19.63 -11.50
CA GLY A 264 -36.50 -18.44 -11.20
C GLY A 264 -35.59 -17.39 -10.60
N THR A 265 -36.18 -16.25 -10.26
CA THR A 265 -35.39 -15.21 -9.61
C THR A 265 -35.00 -15.62 -8.20
N GLU A 266 -35.79 -16.50 -7.58
CA GLU A 266 -35.58 -16.96 -6.22
C GLU A 266 -35.71 -18.48 -6.22
N GLY A 267 -35.01 -19.12 -5.28
CA GLY A 267 -35.05 -20.56 -5.15
C GLY A 267 -34.12 -21.00 -4.06
N SER A 268 -34.00 -22.31 -3.89
CA SER A 268 -33.11 -22.81 -2.85
C SER A 268 -32.34 -24.01 -3.39
N LEU A 269 -31.14 -24.21 -2.87
CA LEU A 269 -30.26 -25.29 -3.26
C LEU A 269 -29.81 -26.01 -2.01
N THR A 270 -29.95 -27.34 -2.00
CA THR A 270 -29.51 -28.14 -0.87
C THR A 270 -28.02 -28.42 -1.03
N ILE A 271 -27.25 -28.21 0.06
CA ILE A 271 -25.81 -28.44 0.08
C ILE A 271 -25.55 -29.67 0.93
N GLU A 272 -25.38 -30.83 0.29
CA GLU A 272 -25.05 -32.01 1.07
C GLU A 272 -23.62 -31.91 1.57
N ASN A 273 -23.35 -32.52 2.73
CA ASN A 273 -22.01 -32.51 3.32
C ASN A 273 -21.54 -31.09 3.61
N ALA A 274 -22.47 -30.18 3.87
CA ALA A 274 -22.10 -28.77 3.96
C ALA A 274 -21.13 -28.55 5.11
N VAL A 275 -20.08 -27.79 4.84
CA VAL A 275 -19.15 -27.34 5.87
C VAL A 275 -19.52 -25.91 6.23
N LEU A 276 -19.76 -25.67 7.52
CA LEU A 276 -20.21 -24.37 7.99
C LEU A 276 -19.03 -23.42 8.19
N TRP A 277 -19.24 -22.16 7.85
CA TRP A 277 -18.26 -21.11 8.17
C TRP A 277 -18.27 -20.89 9.68
N GLU A 278 -17.09 -20.98 10.31
CA GLU A 278 -16.96 -20.82 11.76
C GLU A 278 -15.92 -19.75 12.07
N PRO A 279 -16.08 -19.02 13.16
CA PRO A 279 -15.00 -18.13 13.64
C PRO A 279 -13.70 -18.90 13.73
N LEU A 280 -12.67 -18.34 13.09
CA LEU A 280 -11.29 -18.85 13.05
C LEU A 280 -11.20 -20.17 12.29
N LYS A 281 -12.30 -20.64 11.71
CA LYS A 281 -12.31 -21.83 10.84
C LYS A 281 -13.21 -21.53 9.66
N PRO A 282 -12.78 -20.65 8.76
CA PRO A 282 -13.66 -20.23 7.67
C PRO A 282 -13.84 -21.33 6.65
N TYR A 283 -15.02 -21.35 6.04
CA TYR A 283 -15.18 -22.12 4.81
C TYR A 283 -16.06 -21.30 3.87
N LEU A 284 -15.56 -21.09 2.65
CA LEU A 284 -16.28 -20.32 1.64
C LEU A 284 -16.55 -21.20 0.43
N TYR A 285 -17.82 -21.40 0.13
CA TYR A 285 -18.18 -21.92 -1.18
C TYR A 285 -18.07 -20.83 -2.22
N GLU A 286 -18.00 -21.22 -3.49
CA GLU A 286 -18.03 -20.28 -4.60
C GLU A 286 -19.38 -20.41 -5.28
N VAL A 287 -20.13 -19.32 -5.34
CA VAL A 287 -21.48 -19.33 -5.90
C VAL A 287 -21.41 -18.62 -7.24
N LYS A 288 -21.61 -19.37 -8.34
CA LYS A 288 -21.46 -18.85 -9.69
C LYS A 288 -22.85 -18.59 -10.26
N ILE A 289 -23.06 -17.37 -10.74
CA ILE A 289 -24.33 -16.95 -11.29
C ILE A 289 -24.14 -16.61 -12.76
N SER A 290 -25.08 -17.06 -13.60
N SER A 290 -25.07 -17.09 -13.60
CA SER A 290 -25.08 -16.68 -15.00
CA SER A 290 -25.15 -16.74 -15.01
C SER A 290 -26.45 -16.14 -15.39
C SER A 290 -26.47 -16.05 -15.28
N PHE A 291 -26.45 -15.12 -16.23
CA PHE A 291 -27.68 -14.47 -16.69
C PHE A 291 -27.38 -13.97 -18.09
N GLY A 292 -27.96 -14.62 -19.10
CA GLY A 292 -27.59 -14.28 -20.46
C GLY A 292 -26.11 -14.57 -20.65
N GLU A 293 -25.37 -13.58 -21.15
CA GLU A 293 -23.92 -13.65 -21.28
C GLU A 293 -23.17 -13.29 -20.00
N ASP A 294 -23.85 -12.71 -19.02
CA ASP A 294 -23.18 -12.20 -17.82
C ASP A 294 -22.84 -13.34 -16.87
N ARG A 295 -21.66 -13.24 -16.23
CA ARG A 295 -21.14 -14.23 -15.30
C ARG A 295 -20.61 -13.49 -14.08
N TYR A 296 -20.96 -13.98 -12.89
CA TYR A 296 -20.50 -13.36 -11.64
C TYR A 296 -20.34 -14.44 -10.58
N THR A 297 -19.23 -14.39 -9.83
CA THR A 297 -18.96 -15.39 -8.81
C THR A 297 -18.88 -14.72 -7.45
N LEU A 298 -19.60 -15.26 -6.47
CA LEU A 298 -19.68 -14.66 -5.15
C LEU A 298 -19.19 -15.69 -4.13
N PRO A 299 -18.11 -15.43 -3.37
CA PRO A 299 -17.76 -16.32 -2.27
C PRO A 299 -18.82 -16.23 -1.17
N TYR A 300 -19.06 -17.35 -0.50
CA TYR A 300 -20.17 -17.39 0.45
C TYR A 300 -19.93 -18.42 1.55
N GLY A 301 -20.02 -17.97 2.80
CA GLY A 301 -19.92 -18.86 3.95
C GLY A 301 -21.29 -19.16 4.52
N ILE A 302 -21.54 -20.44 4.77
CA ILE A 302 -22.82 -20.87 5.32
C ILE A 302 -22.72 -20.89 6.84
N ARG A 303 -23.57 -20.09 7.52
CA ARG A 303 -23.59 -20.06 8.97
C ARG A 303 -24.86 -19.36 9.44
N SER A 304 -25.25 -19.66 10.69
CA SER A 304 -26.40 -19.00 11.29
C SER A 304 -25.96 -18.09 12.43
N VAL A 305 -26.78 -17.07 12.69
CA VAL A 305 -26.57 -16.14 13.80
C VAL A 305 -27.92 -15.90 14.44
N ALA A 306 -27.97 -15.95 15.77
CA ALA A 306 -29.19 -15.65 16.50
C ALA A 306 -28.87 -15.29 17.95
N VAL A 307 -29.61 -14.34 18.49
CA VAL A 307 -29.59 -14.05 19.92
C VAL A 307 -30.76 -14.76 20.55
N LYS A 308 -30.49 -15.48 21.64
CA LYS A 308 -31.50 -16.22 22.39
C LYS A 308 -31.19 -16.11 23.86
N GLY A 309 -32.09 -15.49 24.62
CA GLY A 309 -31.81 -15.32 26.04
C GLY A 309 -30.60 -14.42 26.22
N ASN A 310 -29.63 -14.87 27.01
CA ASN A 310 -28.39 -14.12 27.20
C ASN A 310 -27.26 -14.65 26.35
N LYS A 311 -27.57 -15.37 25.27
CA LYS A 311 -26.56 -16.03 24.46
C LYS A 311 -26.49 -15.40 23.07
N PHE A 312 -25.28 -15.21 22.56
CA PHE A 312 -25.05 -14.85 21.16
C PHE A 312 -24.65 -16.13 20.43
N LEU A 313 -25.55 -16.69 19.61
CA LEU A 313 -25.34 -18.00 19.01
C LEU A 313 -24.86 -17.89 17.57
N ILE A 314 -23.70 -18.47 17.30
CA ILE A 314 -23.21 -18.65 15.94
C ILE A 314 -23.20 -20.14 15.66
N ASN A 315 -23.94 -20.57 14.63
CA ASN A 315 -24.14 -21.98 14.36
C ASN A 315 -24.65 -22.71 15.60
N ASN A 316 -25.56 -22.05 16.30
CA ASN A 316 -26.23 -22.58 17.49
C ASN A 316 -25.29 -22.84 18.66
N LYS A 317 -24.13 -22.15 18.73
CA LYS A 317 -23.21 -22.33 19.85
C LYS A 317 -22.92 -20.98 20.50
N PRO A 318 -22.77 -20.92 21.85
CA PRO A 318 -22.67 -19.64 22.57
C PRO A 318 -21.31 -18.99 22.41
N PHE A 319 -21.26 -17.92 21.61
CA PHE A 319 -20.03 -17.24 21.23
C PHE A 319 -19.59 -16.27 22.33
N TYR A 320 -18.27 -16.07 22.42
CA TYR A 320 -17.68 -15.03 23.27
C TYR A 320 -16.76 -14.20 22.37
N PHE A 321 -17.10 -12.92 22.17
CA PHE A 321 -16.26 -12.04 21.35
C PHE A 321 -14.94 -11.77 22.05
N LYS A 322 -13.85 -11.89 21.30
CA LYS A 322 -12.53 -11.48 21.76
C LYS A 322 -11.91 -10.61 20.68
N GLY A 323 -11.63 -9.35 21.00
CA GLY A 323 -11.05 -8.53 19.96
C GLY A 323 -11.00 -7.06 20.27
N TYR A 324 -11.42 -6.22 19.31
CA TYR A 324 -11.06 -4.80 19.32
C TYR A 324 -12.08 -3.98 18.58
N GLY A 325 -12.16 -2.71 18.94
CA GLY A 325 -12.49 -1.69 17.96
C GLY A 325 -11.22 -1.33 17.20
N LYS A 326 -11.36 -1.20 15.88
CA LYS A 326 -10.25 -0.84 15.01
C LYS A 326 -10.44 0.57 14.45
N HIS A 327 -9.49 0.99 13.62
CA HIS A 327 -9.66 2.10 12.68
C HIS A 327 -8.98 1.67 11.39
N GLU A 328 -9.40 2.27 10.28
CA GLU A 328 -8.58 2.21 9.08
C GLU A 328 -7.60 3.36 9.19
N ASP A 329 -6.40 3.05 9.65
CA ASP A 329 -5.43 4.09 9.92
C ASP A 329 -4.04 3.48 9.80
N THR A 330 -3.26 3.99 8.85
CA THR A 330 -1.86 3.62 8.67
C THR A 330 -1.11 4.85 8.18
N PHE A 331 0.22 4.80 8.29
CA PHE A 331 1.07 5.88 7.79
C PHE A 331 1.74 5.46 6.49
N PRO A 332 1.74 6.30 5.43
CA PRO A 332 1.26 7.67 5.38
C PRO A 332 -0.10 7.86 4.72
N ALA A 333 -0.78 6.78 4.31
CA ALA A 333 -2.03 6.91 3.56
C ALA A 333 -3.23 7.29 4.42
N GLY A 334 -3.09 7.39 5.74
CA GLY A 334 -4.20 7.78 6.58
C GLY A 334 -5.31 6.75 6.59
N ARG A 335 -6.47 7.10 6.03
CA ARG A 335 -7.61 6.20 5.93
C ARG A 335 -7.53 5.28 4.71
N GLY A 336 -6.54 5.48 3.84
CA GLY A 336 -6.53 4.83 2.55
C GLY A 336 -6.34 3.32 2.62
N LEU A 337 -6.90 2.64 1.64
CA LEU A 337 -6.76 1.19 1.53
C LEU A 337 -5.29 0.77 1.55
N ASN A 338 -4.93 -0.08 2.51
CA ASN A 338 -3.58 -0.61 2.66
C ASN A 338 -3.70 -2.13 2.76
N MET A 339 -3.57 -2.82 1.63
N MET A 339 -3.61 -2.83 1.62
CA MET A 339 -3.84 -4.25 1.62
CA MET A 339 -3.86 -4.26 1.68
C MET A 339 -2.77 -5.06 2.37
C MET A 339 -2.76 -5.05 2.41
N PRO A 340 -1.47 -4.71 2.29
CA PRO A 340 -0.49 -5.43 3.12
C PRO A 340 -0.78 -5.30 4.60
N MET A 341 -1.17 -4.11 5.07
CA MET A 341 -1.49 -3.96 6.48
C MET A 341 -2.80 -4.61 6.89
N ASN A 342 -3.79 -4.68 6.00
CA ASN A 342 -4.96 -5.50 6.31
C ASN A 342 -4.53 -6.92 6.64
N ALA A 343 -3.64 -7.50 5.82
CA ALA A 343 -3.21 -8.88 6.05
C ALA A 343 -2.38 -9.00 7.32
N LYS A 344 -1.46 -8.06 7.53
CA LYS A 344 -0.70 -8.03 8.78
C LYS A 344 -1.63 -7.96 9.99
N ASP A 345 -2.64 -7.09 9.95
CA ASP A 345 -3.54 -6.97 11.09
C ASP A 345 -4.26 -8.28 11.39
N ILE A 346 -4.80 -8.94 10.36
CA ILE A 346 -5.49 -10.21 10.65
C ILE A 346 -4.51 -11.23 11.22
N SER A 347 -3.28 -11.27 10.71
CA SER A 347 -2.28 -12.16 11.29
C SER A 347 -2.03 -11.84 12.76
N LEU A 348 -1.96 -10.57 13.09
CA LEU A 348 -1.74 -10.20 14.49
C LEU A 348 -2.92 -10.60 15.35
N MET A 349 -4.15 -10.45 14.83
CA MET A 349 -5.30 -10.84 15.64
C MET A 349 -5.27 -12.33 15.92
N LYS A 350 -4.93 -13.14 14.91
CA LYS A 350 -4.89 -14.57 15.13
C LYS A 350 -3.75 -14.94 16.07
N TRP A 351 -2.61 -14.26 15.95
CA TRP A 351 -1.48 -14.48 16.86
C TRP A 351 -1.87 -14.19 18.30
N GLN A 352 -2.68 -13.13 18.51
CA GLN A 352 -3.11 -12.72 19.84
C GLN A 352 -4.26 -13.54 20.40
N GLY A 353 -4.91 -14.39 19.60
CA GLY A 353 -6.06 -15.15 20.05
C GLY A 353 -7.39 -14.45 19.91
N ALA A 354 -7.47 -13.36 19.16
CA ALA A 354 -8.74 -12.68 18.96
C ALA A 354 -9.60 -13.41 17.93
N ASN A 355 -10.91 -13.16 17.96
CA ASN A 355 -11.80 -13.71 16.95
C ASN A 355 -12.67 -12.68 16.25
N SER A 356 -12.53 -11.38 16.56
CA SER A 356 -13.54 -10.44 16.10
C SER A 356 -13.04 -9.01 16.18
N PHE A 357 -13.74 -8.12 15.48
CA PHE A 357 -13.54 -6.68 15.65
C PHE A 357 -14.78 -5.94 15.15
N ARG A 358 -14.83 -4.66 15.50
CA ARG A 358 -15.91 -3.76 15.09
C ARG A 358 -15.32 -2.74 14.12
N THR A 359 -16.08 -2.41 13.07
CA THR A 359 -15.63 -1.40 12.09
C THR A 359 -15.90 0.01 12.62
N SER A 360 -15.26 0.33 13.74
CA SER A 360 -15.34 1.69 14.28
C SER A 360 -14.57 2.64 13.38
N HIS A 361 -15.19 3.78 13.01
CA HIS A 361 -16.58 4.13 13.22
C HIS A 361 -17.19 4.46 11.86
N TYR A 362 -17.02 3.54 10.92
CA TYR A 362 -17.46 3.71 9.54
C TYR A 362 -17.29 2.36 8.85
N PRO A 363 -18.05 2.07 7.81
CA PRO A 363 -17.80 0.86 7.01
C PRO A 363 -16.34 0.82 6.53
N TYR A 364 -15.72 -0.36 6.60
CA TYR A 364 -14.37 -0.54 6.12
C TYR A 364 -14.40 -0.96 4.65
N SER A 365 -13.20 -1.03 4.04
CA SER A 365 -13.11 -1.38 2.63
C SER A 365 -13.67 -2.78 2.38
N GLU A 366 -14.20 -2.98 1.16
CA GLU A 366 -14.65 -4.31 0.78
C GLU A 366 -13.50 -5.31 0.79
N GLU A 367 -12.29 -4.86 0.48
CA GLU A 367 -11.13 -5.76 0.52
C GLU A 367 -10.93 -6.34 1.92
N MET A 368 -11.10 -5.51 2.95
CA MET A 368 -11.06 -6.01 4.32
C MET A 368 -12.19 -6.97 4.61
N MET A 369 -13.42 -6.61 4.25
CA MET A 369 -14.56 -7.47 4.49
C MET A 369 -14.39 -8.83 3.83
N ARG A 370 -13.92 -8.85 2.58
CA ARG A 370 -13.74 -10.12 1.89
C ARG A 370 -12.62 -10.93 2.53
N LEU A 371 -11.57 -10.27 3.00
CA LEU A 371 -10.49 -10.98 3.67
C LEU A 371 -10.97 -11.57 5.00
N CYS A 372 -11.82 -10.83 5.73
CA CYS A 372 -12.35 -11.37 6.97
C CYS A 372 -13.20 -12.62 6.71
N ASP A 373 -13.98 -12.61 5.63
CA ASP A 373 -14.69 -13.84 5.22
C ASP A 373 -13.71 -14.98 4.99
N GLU A 374 -12.58 -14.70 4.34
CA GLU A 374 -11.63 -15.75 3.99
C GLU A 374 -10.87 -16.26 5.21
N GLU A 375 -10.68 -15.40 6.22
CA GLU A 375 -9.82 -15.73 7.36
C GLU A 375 -10.59 -16.15 8.59
N GLY A 376 -11.92 -15.98 8.59
CA GLY A 376 -12.73 -16.37 9.72
C GLY A 376 -12.79 -15.38 10.86
N ILE A 377 -12.66 -14.08 10.58
CA ILE A 377 -12.79 -13.03 11.59
C ILE A 377 -14.22 -12.51 11.61
N VAL A 378 -14.84 -12.53 12.79
CA VAL A 378 -16.21 -12.08 13.00
C VAL A 378 -16.21 -10.56 13.09
N VAL A 379 -17.22 -9.91 12.48
CA VAL A 379 -17.22 -8.45 12.35
C VAL A 379 -18.55 -7.89 12.85
N ILE A 380 -18.47 -6.85 13.68
CA ILE A 380 -19.62 -6.00 13.97
C ILE A 380 -19.54 -4.80 13.02
N ASP A 381 -20.51 -4.69 12.12
CA ASP A 381 -20.46 -3.77 10.98
C ASP A 381 -21.18 -2.49 11.37
N GLU A 382 -20.46 -1.37 11.42
CA GLU A 382 -20.95 -0.14 12.02
C GLU A 382 -21.12 0.94 10.96
N THR A 383 -22.18 1.74 11.10
CA THR A 383 -22.38 2.87 10.20
C THR A 383 -21.37 4.00 10.51
N THR A 384 -21.48 5.08 9.73
CA THR A 384 -20.70 6.30 9.92
C THR A 384 -21.24 7.20 11.02
N ALA A 385 -22.25 6.75 11.78
CA ALA A 385 -23.00 7.63 12.68
C ALA A 385 -22.31 7.78 14.04
N VAL A 386 -21.21 8.53 14.03
CA VAL A 386 -20.54 8.95 15.26
C VAL A 386 -20.63 10.47 15.34
N GLY A 387 -20.75 10.98 16.57
CA GLY A 387 -20.89 12.40 16.79
C GLY A 387 -22.32 12.91 16.88
N VAL A 388 -23.32 12.02 16.88
CA VAL A 388 -24.73 12.39 16.97
C VAL A 388 -25.04 12.72 18.42
N HIS A 389 -24.53 13.87 18.86
CA HIS A 389 -24.54 14.26 20.26
C HIS A 389 -24.17 15.73 20.32
N LEU A 390 -25.11 16.59 20.71
CA LEU A 390 -24.85 18.02 20.75
C LEU A 390 -24.61 18.54 22.15
N ASN A 391 -24.42 17.66 23.13
CA ASN A 391 -24.32 18.10 24.52
C ASN A 391 -23.25 17.32 25.28
N PHE A 392 -22.10 17.08 24.65
CA PHE A 392 -21.06 16.30 25.34
C PHE A 392 -19.91 17.19 25.78
N ARG A 403 -30.49 26.02 25.94
CA ARG A 403 -29.75 24.78 25.67
C ARG A 403 -30.48 23.94 24.62
N VAL A 404 -29.81 23.69 23.50
CA VAL A 404 -30.38 22.88 22.43
C VAL A 404 -30.04 21.41 22.69
N ASN A 405 -31.07 20.56 22.71
CA ASN A 405 -30.88 19.13 22.89
C ASN A 405 -30.62 18.46 21.54
N THR A 406 -29.81 17.40 21.58
CA THR A 406 -29.45 16.67 20.36
C THR A 406 -30.68 16.34 19.51
N PHE A 407 -31.73 15.82 20.14
CA PHE A 407 -32.88 15.33 19.40
C PHE A 407 -34.10 16.24 19.53
N ASP A 408 -33.84 17.52 19.78
CA ASP A 408 -34.85 18.56 19.59
C ASP A 408 -35.31 18.57 18.13
N PRO A 409 -36.46 19.19 17.84
CA PRO A 409 -36.85 19.32 16.43
C PRO A 409 -35.79 20.06 15.63
N ILE A 410 -35.57 19.61 14.38
CA ILE A 410 -34.59 20.27 13.51
C ILE A 410 -34.81 21.79 13.47
N GLU A 411 -36.08 22.22 13.39
CA GLU A 411 -36.39 23.64 13.29
C GLU A 411 -36.01 24.42 14.55
N GLN A 412 -35.71 23.72 15.64
CA GLN A 412 -35.23 24.37 16.87
C GLN A 412 -33.78 24.05 17.16
N GLY A 413 -33.06 23.51 16.18
CA GLY A 413 -31.62 23.32 16.31
C GLY A 413 -31.17 21.89 16.53
N GLY A 414 -32.10 20.93 16.60
CA GLY A 414 -31.73 19.53 16.74
C GLY A 414 -30.88 19.04 15.58
N ILE A 415 -30.28 17.87 15.80
CA ILE A 415 -29.36 17.28 14.82
C ILE A 415 -30.09 16.98 13.52
N ARG A 416 -29.39 17.14 12.39
CA ARG A 416 -29.99 17.05 11.07
C ARG A 416 -29.54 15.81 10.31
N THR A 417 -29.19 14.73 11.03
CA THR A 417 -28.58 13.57 10.39
C THR A 417 -29.53 12.42 10.06
N GLN A 418 -30.78 12.43 10.53
CA GLN A 418 -31.59 11.20 10.44
C GLN A 418 -31.79 10.75 9.00
N SER A 419 -32.05 11.68 8.09
N SER A 419 -32.06 11.68 8.08
CA SER A 419 -32.35 11.33 6.70
CA SER A 419 -32.36 11.29 6.71
C SER A 419 -31.16 10.61 6.07
C SER A 419 -31.17 10.62 6.05
N HIS A 420 -29.97 11.18 6.22
CA HIS A 420 -28.76 10.55 5.71
C HIS A 420 -28.47 9.26 6.47
N HIS A 421 -28.75 9.23 7.77
CA HIS A 421 -28.52 8.03 8.57
C HIS A 421 -29.28 6.85 7.98
N LYS A 422 -30.51 7.10 7.52
CA LYS A 422 -31.29 6.07 6.84
C LYS A 422 -30.59 5.57 5.58
N GLU A 423 -30.09 6.50 4.75
CA GLU A 423 -29.42 6.13 3.51
C GLU A 423 -28.17 5.29 3.79
N VAL A 424 -27.39 5.69 4.80
CA VAL A 424 -26.18 4.93 5.15
C VAL A 424 -26.56 3.50 5.55
N ILE A 425 -27.62 3.33 6.34
CA ILE A 425 -28.04 1.99 6.74
C ILE A 425 -28.41 1.15 5.52
N LYS A 426 -29.21 1.72 4.61
CA LYS A 426 -29.60 1.00 3.39
C LYS A 426 -28.37 0.60 2.60
N ASP A 427 -27.43 1.53 2.43
CA ASP A 427 -26.29 1.29 1.56
C ASP A 427 -25.32 0.32 2.20
N LEU A 428 -25.15 0.41 3.52
CA LEU A 428 -24.28 -0.53 4.22
C LEU A 428 -24.80 -1.96 4.10
N ILE A 429 -26.07 -2.17 4.41
CA ILE A 429 -26.63 -3.52 4.33
C ILE A 429 -26.64 -4.02 2.89
N ALA A 430 -26.94 -3.14 1.93
CA ALA A 430 -26.91 -3.57 0.54
C ALA A 430 -25.53 -4.06 0.13
N ARG A 431 -24.47 -3.40 0.64
CA ARG A 431 -23.11 -3.78 0.28
C ARG A 431 -22.67 -5.07 0.98
N ASP A 432 -23.02 -5.22 2.26
CA ASP A 432 -22.40 -6.22 3.12
C ASP A 432 -23.32 -7.37 3.51
N LYS A 433 -24.53 -7.45 2.95
CA LYS A 433 -25.51 -8.44 3.40
C LYS A 433 -25.05 -9.88 3.24
N ASN A 434 -24.20 -10.19 2.24
CA ASN A 434 -23.87 -11.59 1.98
C ASN A 434 -22.66 -12.08 2.78
N HIS A 435 -22.04 -11.22 3.60
CA HIS A 435 -20.84 -11.61 4.33
C HIS A 435 -21.18 -12.47 5.53
N ALA A 436 -20.67 -13.70 5.54
CA ALA A 436 -20.75 -14.54 6.74
C ALA A 436 -20.09 -13.87 7.93
N CYS A 437 -19.02 -13.12 7.70
CA CYS A 437 -18.28 -12.56 8.83
C CYS A 437 -19.08 -11.52 9.59
N VAL A 438 -20.04 -10.86 8.94
CA VAL A 438 -20.85 -9.84 9.61
C VAL A 438 -21.92 -10.53 10.43
N VAL A 439 -21.89 -10.36 11.75
CA VAL A 439 -22.85 -11.03 12.63
C VAL A 439 -23.78 -10.05 13.33
N MET A 440 -23.53 -8.74 13.25
CA MET A 440 -24.32 -7.77 13.99
C MET A 440 -24.12 -6.41 13.32
N TRP A 441 -25.18 -5.61 13.27
CA TRP A 441 -25.11 -4.24 12.78
C TRP A 441 -25.04 -3.27 13.97
N SER A 442 -24.10 -2.32 13.92
CA SER A 442 -24.05 -1.24 14.90
C SER A 442 -24.59 0.03 14.25
N ILE A 443 -25.71 0.53 14.78
CA ILE A 443 -26.41 1.63 14.12
C ILE A 443 -25.73 2.98 14.39
N ALA A 444 -25.05 3.14 15.52
CA ALA A 444 -24.40 4.41 15.86
C ALA A 444 -23.40 4.18 16.99
N ASN A 445 -22.38 5.03 17.04
CA ASN A 445 -21.40 5.02 18.13
C ASN A 445 -21.58 6.27 18.98
N GLU A 446 -21.94 6.05 20.26
CA GLU A 446 -21.96 7.10 21.29
C GLU A 446 -22.83 8.29 20.91
N ALA A 447 -24.02 8.00 20.39
CA ALA A 447 -25.03 9.04 20.27
C ALA A 447 -25.56 9.43 21.65
N ASP A 448 -26.34 10.52 21.70
CA ASP A 448 -26.93 11.04 22.94
C ASP A 448 -28.15 10.21 23.36
N THR A 449 -27.92 8.94 23.65
CA THR A 449 -29.03 7.99 23.80
C THR A 449 -29.67 7.99 25.18
N GLY A 450 -29.11 8.70 26.15
CA GLY A 450 -29.79 8.93 27.41
C GLY A 450 -30.62 10.20 27.46
N SER A 451 -30.82 10.89 26.35
CA SER A 451 -31.52 12.15 26.34
C SER A 451 -32.90 11.99 25.69
N LYS A 452 -33.76 13.00 25.90
CA LYS A 452 -35.12 12.91 25.40
C LYS A 452 -35.14 12.97 23.88
N GLY A 453 -35.95 12.11 23.28
CA GLY A 453 -36.07 12.05 21.84
C GLY A 453 -35.13 11.07 21.16
N ALA A 454 -34.22 10.45 21.91
CA ALA A 454 -33.31 9.50 21.27
C ALA A 454 -34.06 8.27 20.76
N TYR A 455 -34.97 7.72 21.57
CA TYR A 455 -35.74 6.57 21.11
C TYR A 455 -36.44 6.89 19.80
N GLU A 456 -37.02 8.09 19.70
CA GLU A 456 -37.78 8.48 18.51
C GLU A 456 -36.88 8.61 17.29
N TYR A 457 -35.66 9.12 17.48
CA TYR A 457 -34.69 9.19 16.39
C TYR A 457 -34.28 7.80 15.91
N PHE A 458 -34.06 6.88 16.84
CA PHE A 458 -33.45 5.59 16.51
C PHE A 458 -34.44 4.52 16.11
N LYS A 459 -35.67 4.56 16.62
CA LYS A 459 -36.64 3.52 16.29
C LYS A 459 -36.78 3.28 14.78
N PRO A 460 -36.96 4.31 13.94
CA PRO A 460 -37.04 4.05 12.50
C PRO A 460 -35.77 3.43 11.93
N LEU A 461 -34.60 3.73 12.50
CA LEU A 461 -33.35 3.19 11.96
C LEU A 461 -33.20 1.71 12.29
N PHE A 462 -33.56 1.32 13.51
CA PHE A 462 -33.54 -0.09 13.85
C PHE A 462 -34.58 -0.85 13.04
N ASP A 463 -35.77 -0.26 12.85
CA ASP A 463 -36.77 -0.91 12.02
C ASP A 463 -36.28 -1.11 10.60
N LEU A 464 -35.59 -0.10 10.06
CA LEU A 464 -35.06 -0.19 8.69
C LEU A 464 -34.01 -1.30 8.58
N ALA A 465 -33.05 -1.33 9.52
CA ALA A 465 -32.02 -2.37 9.45
C ALA A 465 -32.63 -3.76 9.53
N ARG A 466 -33.65 -3.93 10.38
CA ARG A 466 -34.27 -5.25 10.51
C ARG A 466 -35.07 -5.61 9.27
N GLU A 467 -35.73 -4.64 8.66
CA GLU A 467 -36.44 -4.87 7.41
C GLU A 467 -35.49 -5.23 6.27
N LEU A 468 -34.32 -4.60 6.22
CA LEU A 468 -33.51 -4.69 5.03
C LEU A 468 -32.53 -5.85 5.04
N ASP A 469 -32.13 -6.32 6.22
CA ASP A 469 -31.19 -7.44 6.28
C ASP A 469 -31.90 -8.76 5.99
N PRO A 470 -31.60 -9.41 4.87
CA PRO A 470 -32.27 -10.70 4.58
C PRO A 470 -31.94 -11.77 5.58
N GLN A 471 -30.86 -11.61 6.34
CA GLN A 471 -30.47 -12.60 7.34
C GLN A 471 -30.96 -12.23 8.73
N LYS A 472 -31.60 -11.06 8.89
CA LYS A 472 -32.23 -10.67 10.15
C LYS A 472 -31.24 -10.77 11.32
N ARG A 473 -30.05 -10.21 11.12
CA ARG A 473 -29.03 -10.28 12.16
C ARG A 473 -29.35 -9.35 13.32
N PRO A 474 -28.75 -9.60 14.49
CA PRO A 474 -28.89 -8.70 15.63
C PRO A 474 -28.49 -7.27 15.27
N CYS A 475 -29.14 -6.31 15.93
CA CYS A 475 -28.83 -4.90 15.79
C CYS A 475 -28.51 -4.31 17.15
N THR A 476 -27.60 -3.35 17.17
CA THR A 476 -27.20 -2.70 18.41
C THR A 476 -26.89 -1.25 18.12
N LEU A 477 -26.76 -0.49 19.18
CA LEU A 477 -26.08 0.78 19.12
C LEU A 477 -25.01 0.74 20.20
N VAL A 478 -23.91 1.43 19.96
CA VAL A 478 -22.79 1.39 20.90
C VAL A 478 -22.94 2.54 21.90
N SER A 479 -23.00 2.19 23.18
CA SER A 479 -23.47 3.09 24.25
C SER A 479 -22.36 3.91 24.85
N LEU A 480 -22.55 5.22 24.82
CA LEU A 480 -21.69 6.15 25.53
C LEU A 480 -21.81 5.94 27.04
N GLN A 481 -20.70 6.12 27.75
CA GLN A 481 -20.75 6.13 29.21
C GLN A 481 -21.53 7.36 29.68
N MET A 482 -22.56 7.14 30.49
CA MET A 482 -23.39 8.25 30.95
C MET A 482 -23.84 8.00 32.38
N VAL A 483 -24.10 9.09 33.12
CA VAL A 483 -24.49 8.92 34.52
C VAL A 483 -25.84 8.24 34.63
N ASN A 484 -26.75 8.52 33.70
CA ASN A 484 -28.11 7.95 33.73
C ASN A 484 -28.21 6.75 32.79
N TYR A 485 -27.31 5.77 32.98
CA TYR A 485 -27.25 4.67 32.03
C TYR A 485 -28.53 3.86 32.02
N LYS A 486 -29.29 3.86 33.12
CA LYS A 486 -30.55 3.11 33.10
C LYS A 486 -31.57 3.72 32.14
N GLU A 487 -31.37 4.95 31.69
CA GLU A 487 -32.24 5.60 30.72
C GLU A 487 -31.71 5.53 29.29
N ASP A 488 -30.61 4.81 29.07
CA ASP A 488 -30.09 4.62 27.72
C ASP A 488 -31.13 3.90 26.85
N CYS A 489 -31.54 4.52 25.73
CA CYS A 489 -32.58 3.92 24.91
C CYS A 489 -32.14 2.64 24.21
N THR A 490 -30.86 2.27 24.28
CA THR A 490 -30.44 0.97 23.77
C THR A 490 -31.26 -0.16 24.39
N ILE A 491 -31.70 0.04 25.63
CA ILE A 491 -32.44 -1.01 26.34
C ILE A 491 -33.74 -1.33 25.63
N LYS A 492 -34.35 -0.34 24.99
CA LYS A 492 -35.60 -0.53 24.27
C LYS A 492 -35.43 -0.98 22.83
N LEU A 493 -34.20 -1.03 22.32
CA LEU A 493 -34.00 -1.17 20.89
C LEU A 493 -33.12 -2.34 20.51
N SER A 494 -32.02 -2.57 21.25
CA SER A 494 -30.94 -3.42 20.78
C SER A 494 -31.11 -4.88 21.18
N ASP A 495 -30.56 -5.77 20.34
CA ASP A 495 -30.50 -7.19 20.66
C ASP A 495 -29.35 -7.52 21.59
N VAL A 496 -28.24 -6.79 21.48
CA VAL A 496 -27.08 -6.90 22.36
C VAL A 496 -26.76 -5.49 22.87
N PHE A 497 -26.46 -5.37 24.16
CA PHE A 497 -26.05 -4.09 24.71
C PHE A 497 -24.53 -3.98 24.61
N CYS A 498 -24.05 -3.01 23.82
CA CYS A 498 -22.63 -2.82 23.53
C CYS A 498 -22.17 -1.54 24.25
N LEU A 499 -21.33 -1.70 25.27
CA LEU A 499 -20.99 -0.61 26.17
C LEU A 499 -19.56 -0.14 25.90
N ASN A 500 -19.38 1.19 25.81
CA ASN A 500 -18.06 1.82 25.85
C ASN A 500 -17.85 2.34 27.25
N ARG A 501 -16.89 1.77 27.99
CA ARG A 501 -16.69 2.14 29.38
C ARG A 501 -15.21 2.30 29.67
N TYR A 502 -14.87 3.33 30.46
CA TYR A 502 -13.49 3.68 30.77
C TYR A 502 -13.28 3.81 32.28
N TYR A 503 -13.70 2.79 33.03
CA TYR A 503 -13.47 2.75 34.48
C TYR A 503 -11.99 2.52 34.71
N GLY A 504 -11.31 3.55 35.21
CA GLY A 504 -9.87 3.52 35.40
C GLY A 504 -9.12 4.45 34.46
N TRP A 505 -9.81 5.11 33.54
CA TRP A 505 -9.16 6.05 32.64
C TRP A 505 -9.86 7.41 32.72
N TYR A 506 -11.06 7.56 32.15
CA TYR A 506 -11.77 8.83 32.19
C TYR A 506 -12.48 9.04 33.51
N THR A 507 -12.64 7.99 34.31
CA THR A 507 -13.07 8.12 35.69
C THR A 507 -12.21 7.17 36.51
N CYS A 508 -12.01 7.50 37.78
CA CYS A 508 -11.20 6.68 38.67
C CYS A 508 -9.77 6.53 38.14
N GLY A 509 -9.26 7.53 37.41
CA GLY A 509 -7.91 7.43 36.89
C GLY A 509 -6.89 7.29 38.02
N ALA A 510 -5.99 6.32 37.94
CA ALA A 510 -5.01 6.03 38.98
C ALA A 510 -5.66 5.61 40.30
N ASP A 511 -6.92 5.13 40.28
CA ASP A 511 -7.57 4.59 41.48
C ASP A 511 -8.34 3.34 41.04
N LEU A 512 -7.59 2.26 40.75
CA LEU A 512 -8.23 1.11 40.13
C LEU A 512 -9.09 0.35 41.13
N GLN A 513 -8.79 0.46 42.44
CA GLN A 513 -9.71 -0.10 43.42
C GLN A 513 -11.08 0.57 43.31
N ALA A 514 -11.09 1.90 43.15
CA ALA A 514 -12.36 2.60 42.93
C ALA A 514 -12.97 2.23 41.59
N ALA A 515 -12.13 2.07 40.56
CA ALA A 515 -12.62 1.67 39.24
C ALA A 515 -13.36 0.34 39.32
N GLU A 516 -12.81 -0.63 40.05
CA GLU A 516 -13.44 -1.94 40.14
C GLU A 516 -14.83 -1.85 40.75
N LYS A 517 -14.94 -1.09 41.85
CA LYS A 517 -16.21 -0.98 42.55
C LYS A 517 -17.25 -0.26 41.67
N MET A 518 -16.84 0.82 41.01
N MET A 518 -16.84 0.84 41.03
CA MET A 518 -17.73 1.54 40.11
CA MET A 518 -17.75 1.53 40.10
C MET A 518 -18.12 0.69 38.91
C MET A 518 -18.14 0.64 38.94
N CYS A 519 -17.17 -0.06 38.36
CA CYS A 519 -17.46 -0.98 37.26
C CYS A 519 -18.48 -2.04 37.68
N ARG A 520 -18.24 -2.69 38.82
CA ARG A 520 -19.17 -3.73 39.28
C ARG A 520 -20.58 -3.18 39.47
N GLU A 521 -20.71 -2.02 40.10
CA GLU A 521 -22.07 -1.53 40.39
C GLU A 521 -22.87 -1.33 39.12
N GLU A 522 -22.28 -0.73 38.08
CA GLU A 522 -23.03 -0.54 36.85
C GLU A 522 -23.22 -1.85 36.09
N LEU A 523 -22.14 -2.64 35.94
CA LEU A 523 -22.29 -3.83 35.10
C LEU A 523 -23.22 -4.85 35.74
N GLU A 524 -23.42 -4.78 37.07
CA GLU A 524 -24.42 -5.67 37.68
C GLU A 524 -25.83 -5.26 37.27
N PHE A 525 -26.07 -3.97 36.99
CA PHE A 525 -27.36 -3.58 36.43
C PHE A 525 -27.58 -4.22 35.07
N TRP A 526 -26.60 -4.07 34.18
CA TRP A 526 -26.75 -4.63 32.85
C TRP A 526 -26.92 -6.14 32.90
N ASN A 527 -26.16 -6.79 33.77
CA ASN A 527 -26.29 -8.23 33.91
C ASN A 527 -27.69 -8.63 34.39
N SER A 528 -28.32 -7.77 35.20
CA SER A 528 -29.66 -8.07 35.72
C SER A 528 -30.74 -8.08 34.65
N LEU A 529 -30.47 -7.52 33.46
CA LEU A 529 -31.47 -7.48 32.42
C LEU A 529 -31.61 -8.79 31.66
N GLY A 530 -30.66 -9.71 31.81
CA GLY A 530 -30.78 -11.03 31.22
C GLY A 530 -30.50 -11.13 29.73
N LYS A 531 -30.04 -10.06 29.10
CA LYS A 531 -29.73 -10.04 27.67
C LYS A 531 -28.22 -10.07 27.46
N PRO A 532 -27.74 -10.43 26.27
CA PRO A 532 -26.29 -10.39 26.04
C PRO A 532 -25.81 -8.96 26.08
N PHE A 533 -24.69 -8.75 26.75
CA PHE A 533 -24.05 -7.43 26.74
C PHE A 533 -22.54 -7.63 26.67
N MET A 534 -21.83 -6.60 26.20
CA MET A 534 -20.39 -6.74 26.02
C MET A 534 -19.76 -5.36 26.18
N TYR A 535 -18.43 -5.37 26.27
CA TYR A 535 -17.63 -4.18 26.03
C TYR A 535 -17.30 -4.06 24.54
N THR A 536 -17.61 -2.92 23.93
CA THR A 536 -17.07 -2.61 22.62
C THR A 536 -15.92 -1.61 22.69
N GLU A 537 -15.73 -0.93 23.83
CA GLU A 537 -14.52 -0.16 24.11
C GLU A 537 -14.22 -0.19 25.59
N TYR A 538 -12.92 -0.24 25.90
CA TYR A 538 -12.35 -0.04 27.22
C TYR A 538 -10.84 0.00 27.00
N GLY A 539 -10.16 0.96 27.62
CA GLY A 539 -8.72 1.10 27.43
C GLY A 539 -8.16 2.32 28.14
N ALA A 540 -6.86 2.51 27.95
CA ALA A 540 -6.10 3.53 28.68
C ALA A 540 -5.00 4.00 27.75
N ASP A 541 -4.79 5.31 27.62
CA ASP A 541 -3.74 5.77 26.73
C ASP A 541 -2.40 5.32 27.27
N THR A 542 -1.55 4.83 26.39
CA THR A 542 -0.32 4.15 26.79
C THR A 542 0.75 4.48 25.77
N VAL A 543 1.82 5.14 26.20
CA VAL A 543 2.91 5.51 25.30
C VAL A 543 3.98 4.44 25.39
N MET A 544 4.23 3.74 24.27
N MET A 544 4.24 3.76 24.27
CA MET A 544 5.24 2.69 24.29
CA MET A 544 5.25 2.72 24.23
C MET A 544 6.55 3.24 24.84
C MET A 544 6.59 3.22 24.79
N GLY A 545 7.15 2.49 25.76
CA GLY A 545 8.39 2.87 26.38
C GLY A 545 8.28 3.63 27.68
N LEU A 546 7.08 4.03 28.09
CA LEU A 546 6.88 4.60 29.42
C LEU A 546 6.52 3.46 30.37
N HIS A 547 7.17 3.45 31.54
CA HIS A 547 7.07 2.34 32.47
C HIS A 547 7.08 2.82 33.92
N ASP A 548 6.43 2.05 34.78
CA ASP A 548 6.52 2.23 36.23
C ASP A 548 6.00 0.96 36.89
N THR A 549 6.71 0.49 37.93
CA THR A 549 6.21 -0.64 38.70
C THR A 549 4.97 -0.28 39.51
N THR A 550 4.74 1.01 39.74
CA THR A 550 3.65 1.50 40.59
C THR A 550 2.63 2.24 39.73
N ASP A 551 1.35 1.86 39.83
CA ASP A 551 0.30 2.38 38.94
C ASP A 551 0.49 3.83 38.55
N SER A 552 0.74 4.06 37.26
N SER A 552 0.74 4.05 37.25
CA SER A 552 0.96 5.41 36.75
CA SER A 552 0.97 5.41 36.74
C SER A 552 0.34 5.52 35.37
C SER A 552 0.33 5.51 35.36
N MET A 553 -0.59 6.46 35.21
CA MET A 553 -1.26 6.67 33.93
C MET A 553 -0.26 6.91 32.81
N PHE A 554 -0.54 6.34 31.64
CA PHE A 554 0.18 6.43 30.38
C PHE A 554 1.31 5.40 30.26
N THR A 555 1.63 4.66 31.34
CA THR A 555 2.66 3.64 31.27
C THR A 555 2.09 2.32 30.76
N GLU A 556 2.99 1.47 30.27
CA GLU A 556 2.59 0.15 29.78
C GLU A 556 2.03 -0.73 30.88
N GLU A 557 2.58 -0.60 32.10
CA GLU A 557 2.10 -1.42 33.21
C GLU A 557 0.70 -1.04 33.63
N TYR A 558 0.39 0.26 33.60
CA TYR A 558 -0.95 0.67 34.00
C TYR A 558 -1.99 0.16 33.01
N GLN A 559 -1.64 0.10 31.72
CA GLN A 559 -2.57 -0.46 30.74
C GLN A 559 -2.95 -1.89 31.09
N VAL A 560 -1.97 -2.70 31.50
CA VAL A 560 -2.28 -4.07 31.91
C VAL A 560 -3.14 -4.08 33.16
N GLU A 561 -2.77 -3.29 34.17
CA GLU A 561 -3.53 -3.30 35.42
C GLU A 561 -4.94 -2.81 35.19
N TYR A 562 -5.11 -1.79 34.34
CA TYR A 562 -6.45 -1.35 33.94
C TYR A 562 -7.29 -2.52 33.43
N TYR A 563 -6.73 -3.33 32.53
CA TYR A 563 -7.50 -4.43 31.97
C TYR A 563 -7.73 -5.52 33.00
N LYS A 564 -6.75 -5.80 33.85
CA LYS A 564 -6.95 -6.82 34.89
C LYS A 564 -8.09 -6.44 35.80
N THR A 565 -8.16 -5.17 36.18
CA THR A 565 -9.22 -4.68 37.06
C THR A 565 -10.59 -4.87 36.42
N ASN A 566 -10.74 -4.45 35.16
CA ASN A 566 -12.02 -4.63 34.49
C ASN A 566 -12.40 -6.10 34.38
N HIS A 567 -11.43 -6.97 34.08
CA HIS A 567 -11.76 -8.38 33.87
C HIS A 567 -12.15 -9.05 35.17
N LYS A 568 -11.64 -8.57 36.30
CA LYS A 568 -12.08 -9.11 37.58
C LYS A 568 -13.58 -9.06 37.73
N VAL A 569 -14.21 -8.03 37.14
CA VAL A 569 -15.66 -7.89 37.21
C VAL A 569 -16.34 -8.67 36.09
N THR A 570 -15.94 -8.43 34.83
CA THR A 570 -16.66 -9.01 33.70
C THR A 570 -16.63 -10.54 33.73
N ASP A 571 -15.54 -11.14 34.21
CA ASP A 571 -15.47 -12.60 34.27
C ASP A 571 -16.47 -13.21 35.25
N THR A 572 -17.12 -12.42 36.10
CA THR A 572 -18.12 -12.96 37.02
C THR A 572 -19.56 -12.72 36.57
N LEU A 573 -19.78 -12.17 35.39
CA LEU A 573 -21.12 -11.81 34.94
C LEU A 573 -21.50 -12.68 33.76
N ASP A 574 -22.55 -13.49 33.94
CA ASP A 574 -22.91 -14.53 32.98
C ASP A 574 -23.45 -13.96 31.67
N CYS A 575 -24.06 -12.78 31.69
CA CYS A 575 -24.57 -12.20 30.46
C CYS A 575 -23.52 -11.40 29.70
N PHE A 576 -22.32 -11.24 30.24
CA PHE A 576 -21.25 -10.53 29.55
C PHE A 576 -20.59 -11.50 28.56
N ILE A 577 -20.87 -11.32 27.28
CA ILE A 577 -20.52 -12.29 26.25
C ILE A 577 -19.45 -11.78 25.30
N GLY A 578 -18.77 -10.68 25.63
CA GLY A 578 -17.74 -10.25 24.72
C GLY A 578 -16.89 -9.09 25.22
N GLU A 579 -15.62 -9.08 24.82
CA GLU A 579 -14.69 -8.01 25.19
C GLU A 579 -13.96 -7.56 23.94
N GLN A 580 -14.23 -6.33 23.51
CA GLN A 580 -13.48 -5.71 22.42
C GLN A 580 -12.82 -4.47 23.00
N VAL A 581 -11.49 -4.45 22.97
CA VAL A 581 -10.74 -3.35 23.56
C VAL A 581 -10.83 -2.12 22.66
N TRP A 582 -10.60 -0.96 23.25
CA TRP A 582 -10.22 0.22 22.48
C TRP A 582 -8.75 0.46 22.76
N ASN A 583 -7.88 0.35 21.74
CA ASN A 583 -8.16 0.10 20.33
C ASN A 583 -7.17 -0.98 19.91
N PHE A 584 -7.39 -1.59 18.74
CA PHE A 584 -6.36 -2.46 18.17
C PHE A 584 -4.99 -1.75 18.09
N ALA A 585 -4.95 -0.55 17.51
CA ALA A 585 -3.66 0.14 17.37
C ALA A 585 -3.81 1.64 17.54
N ASP A 586 -2.74 2.28 18.04
CA ASP A 586 -2.65 3.75 18.06
C ASP A 586 -3.02 4.33 16.69
N PHE A 587 -3.72 5.46 16.69
CA PHE A 587 -4.25 6.04 15.46
C PHE A 587 -4.29 7.57 15.58
N ALA A 588 -4.41 8.25 14.44
CA ALA A 588 -4.31 9.71 14.43
C ALA A 588 -5.63 10.39 14.81
N THR A 589 -5.52 11.53 15.50
CA THR A 589 -6.68 12.32 15.90
C THR A 589 -6.40 13.80 15.64
N SER A 590 -7.43 14.63 15.82
CA SER A 590 -7.20 16.07 15.86
C SER A 590 -6.28 16.41 17.04
N GLN A 591 -5.66 17.59 16.96
CA GLN A 591 -4.68 17.98 17.97
CA GLN A 591 -4.68 18.02 17.96
C GLN A 591 -5.36 18.54 19.22
N GLY A 592 -4.73 18.30 20.36
CA GLY A 592 -5.24 18.88 21.60
C GLY A 592 -4.44 18.38 22.79
N LEU A 593 -4.78 18.96 23.96
CA LEU A 593 -3.97 18.75 25.16
C LEU A 593 -4.08 17.34 25.76
N ILE A 594 -5.07 16.53 25.38
CA ILE A 594 -5.15 15.17 25.91
C ILE A 594 -4.82 14.12 24.85
N ARG A 595 -4.36 14.52 23.68
CA ARG A 595 -4.00 13.58 22.63
C ARG A 595 -2.49 13.68 22.38
N VAL A 596 -1.76 12.68 22.90
CA VAL A 596 -0.30 12.61 22.81
C VAL A 596 0.08 12.12 21.41
N GLN A 597 0.03 13.03 20.44
CA GLN A 597 0.16 12.71 19.03
C GLN A 597 -0.76 11.56 18.65
N GLY A 598 -2.05 11.85 18.75
CA GLY A 598 -3.07 10.88 18.42
C GLY A 598 -3.57 10.15 19.66
N ASN A 599 -4.39 9.15 19.40
CA ASN A 599 -4.95 8.32 20.45
C ASN A 599 -3.98 7.17 20.74
N LYS A 600 -3.60 7.03 22.00
CA LYS A 600 -2.57 6.06 22.38
C LYS A 600 -3.16 4.85 23.09
N LYS A 601 -4.45 4.56 22.89
CA LYS A 601 -5.03 3.44 23.60
C LYS A 601 -4.80 2.10 22.89
N GLY A 602 -4.01 2.07 21.82
CA GLY A 602 -3.80 0.82 21.11
C GLY A 602 -3.10 -0.21 21.98
N LEU A 603 -3.45 -1.48 21.75
CA LEU A 603 -2.61 -2.58 22.23
C LEU A 603 -1.31 -2.62 21.45
N PHE A 604 -1.36 -2.22 20.18
CA PHE A 604 -0.22 -2.08 19.30
C PHE A 604 0.02 -0.61 18.96
N THR A 605 1.26 -0.30 18.60
CA THR A 605 1.58 1.01 18.08
C THR A 605 1.02 1.17 16.65
N ARG A 606 1.16 2.38 16.12
CA ARG A 606 0.70 2.61 14.76
C ARG A 606 1.46 1.76 13.76
N ASP A 607 2.72 1.44 14.04
CA ASP A 607 3.45 0.54 13.16
C ASP A 607 3.36 -0.92 13.65
N ARG A 608 2.37 -1.21 14.50
CA ARG A 608 1.92 -2.57 14.81
C ARG A 608 2.92 -3.33 15.68
N LYS A 609 3.55 -2.62 16.61
CA LYS A 609 4.43 -3.25 17.59
C LYS A 609 3.68 -3.45 18.90
N PRO A 610 3.83 -4.62 19.53
CA PRO A 610 3.01 -4.93 20.72
C PRO A 610 3.52 -4.25 21.99
N LYS A 611 2.61 -3.57 22.69
CA LYS A 611 2.88 -3.08 24.03
C LYS A 611 2.76 -4.22 25.02
N LEU A 612 3.10 -3.95 26.29
N LEU A 612 3.06 -3.91 26.29
CA LEU A 612 2.95 -4.96 27.34
CA LEU A 612 2.97 -4.91 27.36
C LEU A 612 1.55 -5.56 27.34
C LEU A 612 1.57 -5.52 27.44
N ALA A 613 0.54 -4.70 27.24
CA ALA A 613 -0.84 -5.19 27.27
C ALA A 613 -1.20 -6.09 26.09
N ALA A 614 -0.48 -5.97 24.97
CA ALA A 614 -0.76 -6.88 23.85
C ALA A 614 -0.34 -8.30 24.19
N HIS A 615 0.75 -8.43 24.95
CA HIS A 615 1.20 -9.75 25.41
C HIS A 615 0.26 -10.27 26.50
N TYR A 616 -0.18 -9.38 27.39
CA TYR A 616 -1.20 -9.73 28.38
C TYR A 616 -2.43 -10.35 27.71
N PHE A 617 -2.93 -9.71 26.64
CA PHE A 617 -4.13 -10.25 25.99
C PHE A 617 -3.85 -11.53 25.22
N LYS A 618 -2.67 -11.67 24.60
CA LYS A 618 -2.37 -12.95 23.97
C LYS A 618 -2.50 -14.10 24.97
N GLU A 619 -1.99 -13.90 26.20
CA GLU A 619 -2.09 -14.95 27.23
C GLU A 619 -3.54 -15.16 27.66
N ARG A 620 -4.23 -14.07 28.00
CA ARG A 620 -5.63 -14.18 28.41
C ARG A 620 -6.50 -14.84 27.34
N TRP A 621 -6.42 -14.35 26.10
CA TRP A 621 -7.29 -14.89 25.05
C TRP A 621 -6.89 -16.29 24.64
N SER A 622 -5.65 -16.70 24.93
CA SER A 622 -5.27 -18.09 24.67
C SER A 622 -6.01 -19.06 25.57
N LYS A 623 -6.51 -18.59 26.71
CA LYS A 623 -7.19 -19.43 27.68
C LYS A 623 -8.71 -19.31 27.62
N ILE A 624 -9.26 -18.50 26.73
CA ILE A 624 -10.70 -18.31 26.63
C ILE A 624 -11.16 -18.91 25.30
N PRO A 625 -12.11 -19.85 25.31
CA PRO A 625 -12.56 -20.45 24.04
C PRO A 625 -13.48 -19.52 23.29
N ASP A 626 -13.50 -19.68 21.97
CA ASP A 626 -14.47 -18.95 21.16
C ASP A 626 -15.90 -19.28 21.54
N PHE A 627 -16.15 -20.53 21.94
CA PHE A 627 -17.48 -20.99 22.30
C PHE A 627 -17.47 -21.63 23.68
N GLY A 628 -18.51 -21.33 24.46
CA GLY A 628 -18.71 -22.03 25.71
C GLY A 628 -17.92 -21.48 26.86
N TYR A 629 -17.45 -20.23 26.75
CA TYR A 629 -16.78 -19.61 27.89
C TYR A 629 -17.77 -19.35 29.02
N LYS A 630 -18.98 -18.92 28.67
CA LYS A 630 -20.02 -18.72 29.66
C LYS A 630 -21.31 -19.49 29.30
N ALA B 24 12.75 -5.63 -24.87
CA ALA B 24 11.95 -4.41 -24.86
C ALA B 24 10.86 -4.52 -23.80
N MET B 25 10.76 -3.53 -22.90
CA MET B 25 9.81 -3.62 -21.79
C MET B 25 9.20 -2.24 -21.54
N LEU B 26 8.33 -1.79 -22.45
CA LEU B 26 7.59 -0.55 -22.22
C LEU B 26 6.66 -0.71 -21.02
N TYR B 27 6.52 0.37 -20.24
CA TYR B 27 5.63 0.35 -19.08
C TYR B 27 4.18 0.19 -19.53
N PRO B 28 3.45 -0.80 -19.04
CA PRO B 28 2.05 -0.99 -19.50
C PRO B 28 1.16 0.15 -19.07
N ILE B 29 0.40 0.69 -20.03
CA ILE B 29 -0.52 1.79 -19.79
C ILE B 29 -1.85 1.49 -20.48
N LEU B 30 -2.89 2.12 -19.97
CA LEU B 30 -4.21 2.06 -20.62
C LEU B 30 -4.22 3.04 -21.78
N THR B 31 -4.49 2.55 -22.99
CA THR B 31 -4.55 3.41 -24.17
C THR B 31 -5.76 3.03 -25.02
N GLN B 32 -6.00 3.80 -26.08
CA GLN B 32 -7.13 3.49 -26.97
C GLN B 32 -6.97 2.14 -27.67
N SER B 33 -5.79 1.54 -27.63
CA SER B 33 -5.54 0.25 -28.24
C SER B 33 -5.14 -0.82 -27.24
N ARG B 34 -5.09 -0.51 -25.94
CA ARG B 34 -4.44 -1.41 -24.98
C ARG B 34 -5.23 -1.47 -23.68
N MET B 35 -5.81 -2.61 -23.38
N MET B 35 -5.78 -2.64 -23.40
CA MET B 35 -6.41 -2.79 -22.06
CA MET B 35 -6.33 -2.92 -22.08
C MET B 35 -5.31 -3.00 -21.03
C MET B 35 -5.23 -2.95 -21.03
N LEU B 36 -5.60 -2.63 -19.79
CA LEU B 36 -4.70 -2.80 -18.66
C LEU B 36 -5.55 -3.31 -17.50
N ILE B 37 -5.31 -4.54 -17.06
CA ILE B 37 -6.09 -5.18 -16.01
C ILE B 37 -5.14 -5.60 -14.91
N ASP B 38 -5.23 -4.93 -13.75
CA ASP B 38 -4.37 -5.26 -12.60
C ASP B 38 -4.86 -6.54 -11.94
N LEU B 39 -3.96 -7.49 -11.73
CA LEU B 39 -4.29 -8.76 -11.09
C LEU B 39 -3.81 -8.82 -9.65
N SER B 40 -3.32 -7.71 -9.12
CA SER B 40 -2.97 -7.63 -7.73
C SER B 40 -4.22 -7.82 -6.87
N GLY B 41 -4.00 -8.19 -5.62
CA GLY B 41 -5.10 -8.45 -4.70
C GLY B 41 -4.67 -9.54 -3.74
N THR B 42 -5.64 -10.31 -3.27
CA THR B 42 -5.37 -11.40 -2.35
C THR B 42 -5.22 -12.69 -3.15
N TRP B 43 -4.03 -13.30 -3.07
CA TRP B 43 -3.76 -14.54 -3.79
C TRP B 43 -3.62 -15.70 -2.82
N ARG B 44 -3.86 -16.91 -3.30
CA ARG B 44 -3.53 -18.11 -2.53
C ARG B 44 -2.01 -18.29 -2.50
N PHE B 45 -1.52 -18.87 -1.40
CA PHE B 45 -0.07 -18.94 -1.16
C PHE B 45 0.23 -20.20 -0.37
N LYS B 46 1.24 -20.96 -0.79
CA LYS B 46 1.68 -22.14 -0.07
C LYS B 46 3.20 -22.27 -0.08
N LEU B 47 3.79 -22.50 1.10
CA LEU B 47 5.20 -22.85 1.17
C LEU B 47 5.41 -24.20 0.47
N ASP B 48 6.48 -24.31 -0.32
CA ASP B 48 6.88 -25.63 -0.80
C ASP B 48 7.39 -26.45 0.37
N ASP B 49 6.89 -27.69 0.48
CA ASP B 49 7.33 -28.63 1.51
C ASP B 49 8.33 -29.65 0.98
N GLY B 50 8.84 -29.45 -0.22
CA GLY B 50 9.71 -30.40 -0.86
C GLY B 50 9.03 -31.29 -1.88
N SER B 51 7.70 -31.22 -1.99
CA SER B 51 6.96 -32.03 -2.93
C SER B 51 6.12 -31.22 -3.90
N GLY B 52 6.23 -29.88 -3.89
CA GLY B 52 5.29 -29.06 -4.63
C GLY B 52 5.41 -29.23 -6.14
N PHE B 53 6.63 -29.42 -6.64
CA PHE B 53 6.79 -29.68 -8.07
C PHE B 53 6.50 -31.14 -8.40
N GLU B 54 6.98 -32.05 -7.57
CA GLU B 54 6.75 -33.48 -7.76
C GLU B 54 5.27 -33.80 -7.82
N LYS B 55 4.49 -33.23 -6.92
CA LYS B 55 3.04 -33.42 -6.87
C LYS B 55 2.30 -32.43 -7.75
N LYS B 56 3.02 -31.58 -8.49
CA LYS B 56 2.46 -30.67 -9.49
C LYS B 56 1.31 -29.84 -8.92
N TRP B 57 1.62 -29.10 -7.85
CA TRP B 57 0.61 -28.20 -7.27
C TRP B 57 0.07 -27.21 -8.27
N TYR B 58 0.84 -26.89 -9.31
CA TYR B 58 0.44 -25.88 -10.28
C TYR B 58 -0.65 -26.36 -11.25
N GLU B 59 -1.03 -27.64 -11.21
CA GLU B 59 -2.07 -28.15 -12.09
C GLU B 59 -3.47 -28.04 -11.50
N LYS B 60 -3.59 -27.79 -10.19
CA LYS B 60 -4.88 -27.73 -9.52
C LYS B 60 -4.89 -26.53 -8.60
N THR B 61 -6.10 -26.18 -8.13
CA THR B 61 -6.24 -25.23 -7.04
C THR B 61 -5.33 -25.61 -5.88
N LEU B 62 -4.57 -24.65 -5.35
CA LEU B 62 -3.74 -24.93 -4.19
C LEU B 62 -4.60 -25.34 -3.01
N ASP B 63 -4.23 -26.46 -2.37
CA ASP B 63 -4.99 -27.02 -1.25
C ASP B 63 -4.31 -26.66 0.06
N ASP B 64 -5.10 -26.37 1.09
CA ASP B 64 -4.61 -26.06 2.43
C ASP B 64 -3.65 -24.86 2.39
N ALA B 65 -4.05 -23.82 1.67
CA ALA B 65 -3.18 -22.69 1.38
C ALA B 65 -3.48 -21.53 2.32
N GLN B 66 -2.48 -20.67 2.49
CA GLN B 66 -2.73 -19.40 3.15
C GLN B 66 -3.15 -18.37 2.11
N LEU B 67 -3.35 -17.14 2.57
CA LEU B 67 -3.62 -16.01 1.69
C LEU B 67 -2.51 -14.98 1.85
N MET B 68 -2.15 -14.32 0.75
CA MET B 68 -1.00 -13.41 0.77
C MET B 68 -1.36 -12.22 -0.11
N PRO B 69 -1.11 -10.99 0.33
CA PRO B 69 -1.32 -9.85 -0.56
C PRO B 69 -0.30 -9.82 -1.69
N VAL B 70 -0.75 -9.38 -2.86
CA VAL B 70 0.11 -9.17 -4.03
C VAL B 70 -0.20 -7.78 -4.58
N PRO B 71 0.81 -6.92 -4.79
CA PRO B 71 2.24 -7.09 -4.59
C PRO B 71 2.66 -6.92 -3.13
N SER B 72 3.68 -7.68 -2.72
CA SER B 72 4.28 -7.61 -1.40
C SER B 72 5.41 -8.62 -1.34
N SER B 73 6.43 -8.39 -0.52
CA SER B 73 7.23 -9.49 -0.03
C SER B 73 6.37 -10.33 0.91
N TYR B 74 6.61 -11.65 0.93
CA TYR B 74 5.82 -12.49 1.84
C TYR B 74 6.40 -12.61 3.24
N ASN B 75 7.63 -12.15 3.49
CA ASN B 75 8.34 -12.59 4.68
C ASN B 75 7.76 -12.03 5.96
N ASP B 76 7.22 -10.81 5.94
CA ASP B 76 6.80 -10.13 7.17
C ASP B 76 5.29 -10.04 7.31
N ILE B 77 4.53 -10.66 6.43
CA ILE B 77 3.07 -10.48 6.49
C ILE B 77 2.48 -11.23 7.66
N LYS B 78 3.01 -12.43 7.96
CA LYS B 78 2.53 -13.26 9.05
C LYS B 78 3.44 -13.09 10.26
N GLU B 79 3.24 -13.96 11.27
CA GLU B 79 4.04 -13.92 12.49
C GLU B 79 4.93 -15.15 12.62
N SER B 80 5.29 -15.77 11.51
CA SER B 80 5.94 -17.08 11.52
C SER B 80 7.41 -16.94 11.11
N ALA B 81 8.32 -17.39 11.97
CA ALA B 81 9.72 -17.41 11.60
C ALA B 81 10.00 -18.40 10.47
N ASP B 82 9.27 -19.52 10.44
CA ASP B 82 9.46 -20.48 9.37
C ASP B 82 9.11 -19.88 8.02
N LEU B 83 8.04 -19.07 7.97
CA LEU B 83 7.73 -18.34 6.74
CA LEU B 83 7.73 -18.32 6.75
C LEU B 83 8.81 -17.30 6.45
N ARG B 84 9.12 -16.45 7.43
CA ARG B 84 10.09 -15.38 7.23
C ARG B 84 11.43 -15.92 6.73
N ASP B 85 11.91 -16.97 7.36
CA ASP B 85 13.25 -17.52 7.11
C ASP B 85 13.23 -18.72 6.18
N HIS B 86 12.14 -18.92 5.45
CA HIS B 86 11.99 -20.05 4.53
C HIS B 86 13.15 -20.12 3.52
N TYR B 87 13.54 -21.34 3.18
CA TYR B 87 14.55 -21.59 2.15
C TYR B 87 13.91 -22.37 1.02
N GLY B 88 13.93 -21.80 -0.19
CA GLY B 88 13.48 -22.50 -1.39
C GLY B 88 12.29 -21.81 -2.04
N TRP B 89 11.32 -22.62 -2.47
CA TRP B 89 10.22 -22.18 -3.32
C TRP B 89 8.94 -21.93 -2.51
N VAL B 90 8.09 -21.05 -3.04
CA VAL B 90 6.71 -20.91 -2.61
C VAL B 90 5.84 -20.83 -3.86
N PHE B 91 4.56 -21.12 -3.69
CA PHE B 91 3.59 -21.09 -4.78
C PHE B 91 2.52 -20.06 -4.49
N TYR B 92 2.33 -19.14 -5.42
CA TYR B 92 1.23 -18.18 -5.44
C TYR B 92 0.21 -18.66 -6.47
N GLN B 93 -1.07 -18.37 -6.21
CA GLN B 93 -2.07 -18.75 -7.22
C GLN B 93 -3.31 -17.87 -7.13
N ARG B 94 -3.93 -17.60 -8.29
CA ARG B 94 -5.25 -16.96 -8.31
C ARG B 94 -6.04 -17.44 -9.51
N ASP B 95 -7.35 -17.21 -9.46
CA ASP B 95 -8.22 -17.48 -10.59
C ASP B 95 -8.11 -16.36 -11.61
N LEU B 96 -8.24 -16.72 -12.88
CA LEU B 96 -8.09 -15.77 -13.99
C LEU B 96 -9.21 -16.05 -14.99
N ASN B 97 -10.34 -15.41 -14.79
CA ASN B 97 -11.51 -15.57 -15.65
C ASN B 97 -11.60 -14.31 -16.50
N ILE B 98 -11.18 -14.40 -17.75
CA ILE B 98 -11.08 -13.19 -18.55
C ILE B 98 -12.14 -13.14 -19.64
N PRO B 99 -12.59 -11.94 -20.01
CA PRO B 99 -13.65 -11.83 -21.02
C PRO B 99 -13.19 -12.42 -22.34
N ALA B 100 -14.06 -13.24 -22.94
CA ALA B 100 -13.69 -13.99 -24.13
C ALA B 100 -13.31 -13.07 -25.28
N TYR B 101 -13.85 -11.86 -25.33
CA TYR B 101 -13.57 -11.04 -26.48
C TYR B 101 -12.17 -10.43 -26.45
N LEU B 102 -11.44 -10.56 -25.34
CA LEU B 102 -10.02 -10.24 -25.37
C LEU B 102 -9.22 -11.21 -26.21
N LYS B 103 -9.80 -12.35 -26.60
CA LYS B 103 -9.07 -13.26 -27.46
C LYS B 103 -8.89 -12.71 -28.87
N THR B 104 -9.64 -11.67 -29.23
CA THR B 104 -9.37 -10.98 -30.50
C THR B 104 -8.09 -10.15 -30.44
N GLN B 105 -7.55 -9.93 -29.25
CA GLN B 105 -6.33 -9.14 -29.04
C GLN B 105 -5.17 -10.05 -28.68
N ARG B 106 -3.96 -9.47 -28.74
CA ARG B 106 -2.80 -10.14 -28.18
C ARG B 106 -2.85 -9.95 -26.67
N ILE B 107 -2.85 -11.05 -25.90
CA ILE B 107 -2.99 -10.99 -24.44
C ILE B 107 -1.63 -11.28 -23.80
N VAL B 108 -1.18 -10.38 -22.91
CA VAL B 108 0.15 -10.44 -22.33
C VAL B 108 0.04 -10.37 -20.81
N LEU B 109 0.75 -11.24 -20.12
CA LEU B 109 0.91 -11.19 -18.67
C LEU B 109 2.24 -10.53 -18.35
N ARG B 110 2.21 -9.39 -17.67
CA ARG B 110 3.41 -8.67 -17.25
C ARG B 110 3.63 -8.86 -15.76
N PHE B 111 4.82 -9.36 -15.39
CA PHE B 111 5.27 -9.42 -14.01
C PHE B 111 6.31 -8.32 -13.82
N ALA B 112 5.94 -7.27 -13.09
CA ALA B 112 6.87 -6.15 -12.91
C ALA B 112 8.13 -6.57 -12.17
N ALA B 113 8.01 -7.51 -11.21
CA ALA B 113 9.15 -8.12 -10.53
C ALA B 113 8.71 -9.28 -9.66
N VAL B 114 9.44 -10.39 -9.74
CA VAL B 114 9.23 -11.55 -8.89
C VAL B 114 10.61 -11.93 -8.35
N THR B 115 10.77 -11.88 -7.04
CA THR B 115 12.07 -11.99 -6.40
C THR B 115 12.17 -13.36 -5.74
N HIS B 116 13.15 -14.18 -6.15
CA HIS B 116 14.23 -13.90 -7.09
C HIS B 116 14.04 -14.49 -8.49
N SER B 117 13.52 -15.72 -8.54
CA SER B 117 13.27 -16.42 -9.79
C SER B 117 11.84 -16.91 -9.82
N ALA B 118 11.30 -17.07 -11.03
CA ALA B 118 9.88 -17.34 -11.20
C ALA B 118 9.66 -18.44 -12.24
N LYS B 119 8.64 -19.25 -12.01
CA LYS B 119 8.05 -20.11 -13.03
C LYS B 119 6.56 -19.79 -13.06
N VAL B 120 6.04 -19.47 -14.26
CA VAL B 120 4.66 -19.01 -14.42
C VAL B 120 3.88 -20.08 -15.19
N TYR B 121 2.75 -20.50 -14.62
CA TYR B 121 1.87 -21.51 -15.22
C TYR B 121 0.48 -20.95 -15.44
N VAL B 122 -0.10 -21.25 -16.60
CA VAL B 122 -1.53 -21.03 -16.82
C VAL B 122 -2.14 -22.39 -17.07
N ASN B 123 -3.07 -22.79 -16.20
CA ASN B 123 -3.78 -24.06 -16.36
C ASN B 123 -2.82 -25.25 -16.38
N GLY B 124 -1.75 -25.17 -15.58
CA GLY B 124 -0.79 -26.25 -15.51
C GLY B 124 0.25 -26.31 -16.62
N THR B 125 0.20 -25.40 -17.57
CA THR B 125 1.20 -25.29 -18.64
C THR B 125 2.21 -24.22 -18.27
N LEU B 126 3.49 -24.60 -18.22
CA LEU B 126 4.57 -23.65 -17.96
C LEU B 126 4.69 -22.69 -19.13
N LEU B 127 4.47 -21.41 -18.87
CA LEU B 127 4.51 -20.40 -19.92
CA LEU B 127 4.51 -20.40 -19.93
C LEU B 127 5.83 -19.67 -20.00
N CYS B 128 6.47 -19.38 -18.86
N CYS B 128 6.49 -19.46 -18.86
CA CYS B 128 7.76 -18.72 -18.90
CA CYS B 128 7.65 -18.59 -18.76
C CYS B 128 8.43 -18.88 -17.55
C CYS B 128 8.44 -18.91 -17.50
N GLU B 129 9.74 -18.66 -17.56
CA GLU B 129 10.60 -18.67 -16.39
C GLU B 129 11.44 -17.40 -16.43
N HIS B 130 11.92 -16.99 -15.27
CA HIS B 130 12.72 -15.77 -15.24
C HIS B 130 13.70 -15.83 -14.08
N LYS B 131 14.93 -15.39 -14.33
CA LYS B 131 15.96 -15.24 -13.31
C LYS B 131 16.25 -13.76 -13.12
N GLY B 132 16.29 -13.31 -11.86
CA GLY B 132 16.58 -11.91 -11.55
C GLY B 132 15.38 -11.24 -10.89
N GLY B 133 15.53 -10.80 -9.65
CA GLY B 133 14.35 -10.47 -8.86
C GLY B 133 13.81 -9.07 -8.95
N PHE B 134 14.37 -8.21 -9.81
CA PHE B 134 14.08 -6.78 -9.69
C PHE B 134 13.82 -6.10 -11.02
N LEU B 135 13.59 -6.87 -12.09
CA LEU B 135 13.33 -6.33 -13.41
C LEU B 135 12.17 -7.09 -14.04
N PRO B 136 11.42 -6.46 -14.94
CA PRO B 136 10.15 -7.04 -15.39
C PRO B 136 10.33 -8.12 -16.45
N PHE B 137 9.31 -8.97 -16.57
CA PHE B 137 9.26 -9.98 -17.61
C PHE B 137 7.81 -10.23 -17.99
N GLU B 138 7.60 -10.78 -19.17
CA GLU B 138 6.23 -10.94 -19.65
C GLU B 138 6.15 -12.13 -20.58
N THR B 139 4.93 -12.63 -20.74
CA THR B 139 4.68 -13.74 -21.65
C THR B 139 3.31 -13.57 -22.27
N GLU B 140 3.19 -13.85 -23.56
CA GLU B 140 1.86 -13.95 -24.14
C GLU B 140 1.18 -15.19 -23.59
N ILE B 141 -0.14 -15.14 -23.47
CA ILE B 141 -0.94 -16.32 -23.18
C ILE B 141 -1.46 -16.84 -24.52
N PRO B 142 -1.06 -18.04 -24.95
CA PRO B 142 -1.58 -18.59 -26.21
C PRO B 142 -3.10 -18.69 -26.15
N GLU B 143 -3.76 -18.19 -27.20
CA GLU B 143 -5.24 -18.26 -27.27
C GLU B 143 -5.75 -19.65 -26.94
N ASN B 144 -5.09 -20.70 -27.47
CA ASN B 144 -5.59 -22.06 -27.32
C ASN B 144 -5.53 -22.55 -25.88
N LEU B 145 -4.69 -21.94 -25.05
CA LEU B 145 -4.61 -22.33 -23.64
C LEU B 145 -5.76 -21.76 -22.81
N ILE B 146 -6.38 -20.69 -23.25
CA ILE B 146 -7.39 -20.00 -22.45
C ILE B 146 -8.70 -20.77 -22.47
N ARG B 147 -9.22 -21.10 -21.28
CA ARG B 147 -10.48 -21.77 -21.10
C ARG B 147 -11.47 -20.80 -20.46
N ASP B 148 -12.70 -21.28 -20.29
CA ASP B 148 -13.70 -20.45 -19.64
C ASP B 148 -13.26 -20.05 -18.23
N GLU B 149 -12.62 -20.96 -17.51
CA GLU B 149 -12.06 -20.67 -16.20
C GLU B 149 -10.60 -21.07 -16.18
N ASN B 150 -9.74 -20.19 -15.66
CA ASN B 150 -8.31 -20.42 -15.73
C ASN B 150 -7.66 -20.23 -14.36
N LEU B 151 -6.55 -20.92 -14.16
CA LEU B 151 -5.73 -20.80 -12.97
C LEU B 151 -4.39 -20.21 -13.33
N LEU B 152 -3.96 -19.19 -12.58
CA LEU B 152 -2.65 -18.58 -12.77
C LEU B 152 -1.79 -18.93 -11.58
N THR B 153 -0.70 -19.66 -11.80
CA THR B 153 0.18 -20.09 -10.72
C THR B 153 1.58 -19.54 -10.95
N VAL B 154 2.19 -19.00 -9.90
CA VAL B 154 3.55 -18.46 -9.99
C VAL B 154 4.37 -19.11 -8.88
N ALA B 155 5.36 -19.91 -9.26
CA ALA B 155 6.31 -20.42 -8.28
C ALA B 155 7.46 -19.43 -8.16
N VAL B 156 7.86 -19.15 -6.91
CA VAL B 156 8.83 -18.10 -6.61
C VAL B 156 9.96 -18.71 -5.77
N ASP B 157 11.19 -18.58 -6.27
CA ASP B 157 12.40 -19.11 -5.65
C ASP B 157 13.15 -18.00 -4.91
N ASN B 158 13.52 -18.22 -3.65
CA ASN B 158 14.23 -17.19 -2.89
C ASN B 158 15.71 -17.48 -2.72
N ARG B 159 16.24 -18.54 -3.34
CA ARG B 159 17.57 -19.02 -3.02
C ARG B 159 18.63 -18.19 -3.74
N ILE B 160 19.73 -17.91 -3.04
CA ILE B 160 20.83 -17.10 -3.56
C ILE B 160 22.13 -17.84 -3.35
N ASP B 161 23.06 -17.67 -4.28
CA ASP B 161 24.35 -18.35 -4.20
C ASP B 161 25.36 -17.58 -5.06
N HIS B 162 26.44 -18.25 -5.47
CA HIS B 162 27.51 -17.58 -6.20
C HIS B 162 27.14 -17.27 -7.63
N SER B 163 25.94 -17.68 -8.08
CA SER B 163 25.49 -17.44 -9.45
C SER B 163 24.35 -16.42 -9.52
N THR B 164 23.84 -15.96 -8.39
CA THR B 164 22.73 -15.02 -8.40
C THR B 164 23.21 -13.60 -8.17
N LEU B 165 22.40 -12.65 -8.61
CA LEU B 165 22.57 -11.24 -8.25
C LEU B 165 21.27 -10.79 -7.60
N PRO B 166 21.26 -10.50 -6.30
CA PRO B 166 22.44 -10.43 -5.41
C PRO B 166 23.04 -11.79 -5.02
N VAL B 167 24.30 -11.75 -4.61
CA VAL B 167 25.07 -12.96 -4.33
C VAL B 167 24.74 -13.48 -2.94
N GLY B 168 24.59 -14.80 -2.83
CA GLY B 168 24.53 -15.47 -1.55
C GLY B 168 25.83 -16.23 -1.30
N ARG B 169 26.21 -16.33 -0.03
CA ARG B 169 27.35 -17.17 0.32
C ARG B 169 26.96 -18.64 0.24
N GLU B 170 27.98 -19.48 0.09
CA GLU B 170 27.79 -20.92 0.05
C GLU B 170 28.54 -21.60 1.19
N ASP B 171 29.85 -21.37 1.32
CA ASP B 171 30.62 -21.84 2.45
C ASP B 171 31.28 -20.71 3.23
N GLU B 172 31.09 -19.46 2.81
CA GLU B 172 31.79 -18.32 3.39
C GLU B 172 31.24 -17.95 4.77
N PHE B 181 31.85 -19.64 19.07
CA PHE B 181 31.43 -20.96 19.46
C PHE B 181 30.54 -21.48 18.34
N PRO B 182 31.14 -22.22 17.41
CA PRO B 182 30.41 -22.60 16.20
C PRO B 182 29.19 -23.43 16.53
N TYR B 183 28.17 -23.33 15.66
CA TYR B 183 26.92 -24.05 15.87
C TYR B 183 26.38 -24.58 14.55
N THR B 184 25.62 -25.65 14.65
CA THR B 184 24.93 -26.22 13.50
C THR B 184 23.53 -25.64 13.42
N PRO B 185 23.17 -24.95 12.34
CA PRO B 185 21.82 -24.37 12.24
C PRO B 185 20.76 -25.45 12.19
N THR B 186 19.59 -25.12 12.75
CA THR B 186 18.43 -26.02 12.72
C THR B 186 18.03 -26.36 11.29
N LYS B 187 17.91 -25.35 10.43
CA LYS B 187 17.48 -25.53 9.05
C LYS B 187 18.48 -24.85 8.13
N LYS B 188 18.54 -25.32 6.88
CA LYS B 188 19.31 -24.62 5.88
C LYS B 188 18.68 -23.26 5.59
N GLN B 189 19.51 -22.22 5.51
CA GLN B 189 19.05 -20.86 5.29
C GLN B 189 19.88 -20.20 4.21
N ASN B 190 19.30 -19.23 3.51
CA ASN B 190 20.12 -18.36 2.68
C ASN B 190 21.15 -17.62 3.54
N LYS B 191 22.32 -17.36 2.95
CA LYS B 191 23.40 -16.61 3.59
C LYS B 191 23.73 -15.39 2.72
N PRO B 192 22.98 -14.30 2.86
CA PRO B 192 23.21 -13.14 2.00
C PRO B 192 24.65 -12.63 2.07
N ASN B 193 25.22 -12.34 0.91
CA ASN B 193 26.48 -11.62 0.86
C ASN B 193 26.24 -10.13 0.72
N PHE B 194 25.26 -9.61 1.47
CA PHE B 194 24.82 -8.22 1.35
C PHE B 194 24.06 -7.88 2.62
N ASP B 195 23.99 -6.58 2.91
CA ASP B 195 23.48 -6.06 4.17
C ASP B 195 22.06 -5.55 4.04
N PHE B 196 21.16 -6.38 3.51
CA PHE B 196 19.73 -6.08 3.55
C PHE B 196 19.00 -7.42 3.56
N PHE B 197 17.82 -7.44 4.18
CA PHE B 197 17.08 -8.69 4.32
C PHE B 197 16.64 -9.23 2.96
N ASN B 198 16.64 -10.56 2.85
CA ASN B 198 16.34 -11.24 1.59
C ASN B 198 14.82 -11.38 1.35
N TYR B 199 14.16 -10.22 1.26
CA TYR B 199 12.72 -10.17 1.03
C TYR B 199 12.36 -10.73 -0.34
N CYS B 200 11.44 -11.69 -0.38
CA CYS B 200 11.07 -12.33 -1.64
C CYS B 200 9.56 -12.41 -1.77
N GLY B 201 9.10 -12.78 -2.97
CA GLY B 201 7.69 -12.89 -3.26
C GLY B 201 7.35 -12.17 -4.55
N ILE B 202 6.07 -11.90 -4.75
CA ILE B 202 5.65 -11.14 -5.93
C ILE B 202 5.74 -9.67 -5.52
N THR B 203 6.93 -9.12 -5.72
CA THR B 203 7.32 -7.81 -5.15
C THR B 203 6.55 -6.65 -5.76
N ARG B 204 6.27 -6.71 -7.06
CA ARG B 204 5.63 -5.64 -7.80
C ARG B 204 4.41 -6.16 -8.55
N PRO B 205 3.53 -5.27 -9.03
CA PRO B 205 2.25 -5.73 -9.58
C PRO B 205 2.37 -6.75 -10.70
N VAL B 206 1.37 -7.62 -10.76
CA VAL B 206 1.13 -8.51 -11.90
C VAL B 206 -0.02 -7.92 -12.68
N LYS B 207 0.13 -7.77 -14.01
CA LYS B 207 -0.94 -7.17 -14.80
C LYS B 207 -1.14 -7.94 -16.09
N LEU B 208 -2.38 -7.99 -16.55
CA LEU B 208 -2.71 -8.48 -17.89
C LEU B 208 -2.94 -7.25 -18.75
N TYR B 209 -2.27 -7.19 -19.91
CA TYR B 209 -2.57 -6.14 -20.87
C TYR B 209 -2.73 -6.73 -22.27
N THR B 210 -3.28 -5.90 -23.17
CA THR B 210 -3.49 -6.31 -24.54
C THR B 210 -2.89 -5.29 -25.50
N THR B 211 -2.56 -5.76 -26.69
CA THR B 211 -2.25 -4.91 -27.83
C THR B 211 -2.98 -5.49 -29.04
N PRO B 212 -3.09 -4.74 -30.14
CA PRO B 212 -3.57 -5.37 -31.37
C PRO B 212 -2.72 -6.58 -31.75
N LYS B 213 -3.35 -7.53 -32.42
CA LYS B 213 -2.67 -8.77 -32.75
C LYS B 213 -1.70 -8.57 -33.92
N ASP B 214 -2.13 -7.83 -34.94
CA ASP B 214 -1.44 -7.82 -36.22
C ASP B 214 -0.23 -6.91 -36.24
N ALA B 215 -0.28 -5.81 -35.49
CA ALA B 215 0.77 -4.80 -35.58
C ALA B 215 0.78 -4.02 -34.27
N TYR B 216 1.95 -3.88 -33.66
CA TYR B 216 2.00 -3.20 -32.36
C TYR B 216 3.40 -2.66 -32.11
N ILE B 217 3.47 -1.72 -31.18
CA ILE B 217 4.72 -1.08 -30.77
C ILE B 217 5.42 -1.94 -29.73
N SER B 218 6.69 -2.27 -29.97
N SER B 218 6.68 -2.28 -29.99
CA SER B 218 7.46 -3.08 -29.03
CA SER B 218 7.51 -3.09 -29.09
C SER B 218 8.43 -2.24 -28.18
C SER B 218 8.41 -2.25 -28.20
N ASP B 219 9.06 -1.22 -28.74
CA ASP B 219 9.97 -0.38 -27.97
C ASP B 219 10.05 1.01 -28.56
N ILE B 220 10.46 1.96 -27.72
CA ILE B 220 10.64 3.35 -28.11
C ILE B 220 11.94 3.81 -27.49
N THR B 221 12.83 4.37 -28.32
CA THR B 221 14.11 4.91 -27.89
C THR B 221 14.19 6.38 -28.30
N LEU B 222 14.47 7.27 -27.35
CA LEU B 222 14.55 8.70 -27.62
C LEU B 222 15.87 9.26 -27.12
N THR B 223 16.54 10.05 -27.96
CA THR B 223 17.68 10.84 -27.52
C THR B 223 17.44 12.30 -27.89
N SER B 224 18.22 13.21 -27.27
CA SER B 224 17.98 14.62 -27.52
C SER B 224 19.31 15.36 -27.64
N SER B 225 19.28 16.43 -28.43
CA SER B 225 20.41 17.33 -28.66
C SER B 225 19.89 18.75 -28.63
N LEU B 226 20.59 19.65 -27.95
CA LEU B 226 20.19 21.04 -27.83
C LEU B 226 21.01 21.88 -28.82
N GLU B 227 20.34 22.43 -29.84
CA GLU B 227 20.96 23.33 -30.81
C GLU B 227 20.34 24.71 -30.64
N ASN B 228 21.10 25.63 -30.03
CA ASN B 228 20.60 26.94 -29.60
C ASN B 228 19.46 26.67 -28.62
N ASN B 229 18.24 27.16 -28.86
CA ASN B 229 17.10 26.84 -28.01
C ASN B 229 16.18 25.79 -28.63
N THR B 230 16.54 25.25 -29.79
CA THR B 230 15.75 24.19 -30.41
C THR B 230 16.32 22.84 -29.97
N ALA B 231 15.46 21.94 -29.53
CA ALA B 231 15.85 20.58 -29.20
C ALA B 231 15.51 19.65 -30.36
N ARG B 232 16.48 18.83 -30.75
CA ARG B 232 16.26 17.78 -31.73
C ARG B 232 16.14 16.45 -31.00
N ILE B 233 15.01 15.78 -31.16
CA ILE B 233 14.77 14.47 -30.56
C ILE B 233 14.93 13.41 -31.62
N ASN B 234 15.93 12.54 -31.44
CA ASN B 234 16.15 11.41 -32.32
C ASN B 234 15.38 10.22 -31.76
N TYR B 235 14.60 9.57 -32.61
CA TYR B 235 13.75 8.48 -32.17
C TYR B 235 14.07 7.22 -32.96
N LYS B 236 13.86 6.08 -32.30
CA LYS B 236 13.87 4.77 -32.94
C LYS B 236 12.67 4.02 -32.37
N ILE B 237 11.74 3.64 -33.23
CA ILE B 237 10.49 3.03 -32.80
C ILE B 237 10.45 1.60 -33.31
N ASP B 238 10.58 0.64 -32.40
CA ASP B 238 10.61 -0.77 -32.76
C ASP B 238 9.19 -1.34 -32.74
N THR B 239 8.84 -2.06 -33.80
CA THR B 239 7.47 -2.51 -33.97
C THR B 239 7.48 -3.96 -34.45
N LYS B 240 6.34 -4.61 -34.31
CA LYS B 240 6.12 -5.94 -34.86
C LYS B 240 4.92 -5.88 -35.80
N GLY B 241 5.07 -6.48 -36.97
CA GLY B 241 4.03 -6.44 -37.99
C GLY B 241 4.26 -5.33 -38.99
N SER B 242 3.35 -5.26 -39.96
CA SER B 242 3.47 -4.32 -41.07
C SER B 242 2.40 -3.25 -40.91
N ALA B 243 2.84 -2.01 -40.77
CA ALA B 243 1.94 -0.86 -40.64
C ALA B 243 2.80 0.38 -40.76
N HIS B 244 2.18 1.53 -40.59
CA HIS B 244 2.85 2.82 -40.68
C HIS B 244 3.05 3.41 -39.29
N THR B 245 4.20 4.05 -39.08
CA THR B 245 4.61 4.60 -37.80
C THR B 245 4.49 6.12 -37.82
N ALA B 246 3.94 6.69 -36.74
CA ALA B 246 3.87 8.15 -36.57
C ALA B 246 4.24 8.52 -35.13
N ILE B 247 4.88 9.69 -34.99
CA ILE B 247 5.32 10.21 -33.70
C ILE B 247 4.87 11.65 -33.57
N GLY B 248 4.36 12.01 -32.40
CA GLY B 248 3.96 13.38 -32.11
C GLY B 248 4.34 13.75 -30.70
N VAL B 249 4.72 15.03 -30.52
CA VAL B 249 5.21 15.52 -29.24
C VAL B 249 4.30 16.64 -28.77
N TYR B 250 3.81 16.53 -27.52
CA TYR B 250 2.82 17.44 -26.99
C TYR B 250 3.27 18.00 -25.66
N THR B 251 2.93 19.26 -25.40
CA THR B 251 3.16 19.82 -24.07
C THR B 251 2.19 19.19 -23.07
N LYS B 252 2.48 19.40 -21.79
CA LYS B 252 1.57 18.95 -20.73
C LYS B 252 0.16 19.47 -20.97
N GLN B 253 0.06 20.76 -21.32
CA GLN B 253 -1.25 21.37 -21.57
C GLN B 253 -1.93 20.83 -22.81
N GLY B 254 -1.20 20.18 -23.72
CA GLY B 254 -1.79 19.50 -24.84
C GLY B 254 -1.55 20.11 -26.23
N VAL B 255 -0.58 21.00 -26.37
CA VAL B 255 -0.27 21.64 -27.64
C VAL B 255 0.74 20.79 -28.39
N CYS B 256 0.45 20.47 -29.65
CA CYS B 256 1.43 19.75 -30.46
C CYS B 256 2.61 20.67 -30.79
N VAL B 257 3.83 20.20 -30.50
CA VAL B 257 5.03 20.97 -30.81
C VAL B 257 5.89 20.32 -31.88
N ALA B 258 5.59 19.08 -32.30
CA ALA B 258 6.26 18.40 -33.40
C ALA B 258 5.45 17.17 -33.79
N GLN B 259 5.47 16.85 -35.08
CA GLN B 259 4.79 15.64 -35.56
C GLN B 259 5.44 15.20 -36.87
N THR B 260 5.75 13.90 -36.98
CA THR B 260 6.24 13.30 -38.23
C THR B 260 5.50 12.00 -38.47
N GLU B 261 4.92 11.86 -39.67
CA GLU B 261 4.09 10.70 -40.01
C GLU B 261 4.79 9.82 -41.04
N ASN B 262 4.36 8.56 -41.08
CA ASN B 262 4.91 7.52 -41.96
C ASN B 262 6.44 7.55 -41.93
N THR B 263 7.00 7.47 -40.73
CA THR B 263 8.41 7.76 -40.52
C THR B 263 9.28 6.52 -40.40
N GLY B 264 8.72 5.32 -40.53
CA GLY B 264 9.52 4.12 -40.40
C GLY B 264 10.02 3.95 -38.97
N THR B 265 11.22 3.37 -38.84
CA THR B 265 11.76 3.04 -37.52
C THR B 265 12.61 4.17 -36.92
N GLU B 266 13.55 4.73 -37.69
CA GLU B 266 14.42 5.78 -37.18
C GLU B 266 14.05 7.12 -37.79
N GLY B 267 14.34 8.19 -37.05
CA GLY B 267 14.08 9.54 -37.51
C GLY B 267 14.45 10.54 -36.44
N SER B 268 14.18 11.81 -36.73
CA SER B 268 14.39 12.87 -35.75
C SER B 268 13.41 13.99 -36.02
N LEU B 269 13.13 14.76 -34.97
CA LEU B 269 12.27 15.93 -35.08
C LEU B 269 12.83 17.01 -34.16
N THR B 270 12.28 18.21 -34.28
CA THR B 270 12.78 19.36 -33.54
C THR B 270 11.66 20.04 -32.77
N ILE B 271 12.01 20.61 -31.62
CA ILE B 271 11.09 21.34 -30.77
C ILE B 271 11.65 22.74 -30.57
N GLU B 272 10.93 23.74 -31.03
CA GLU B 272 11.40 25.12 -30.88
C GLU B 272 11.18 25.57 -29.44
N ASN B 273 12.16 26.32 -28.91
CA ASN B 273 12.08 26.86 -27.55
C ASN B 273 11.70 25.78 -26.53
N ALA B 274 12.42 24.66 -26.60
CA ALA B 274 12.15 23.52 -25.75
C ALA B 274 12.35 23.88 -24.28
N VAL B 275 11.43 23.40 -23.44
CA VAL B 275 11.56 23.52 -22.00
C VAL B 275 12.35 22.32 -21.50
N LEU B 276 13.50 22.59 -20.89
CA LEU B 276 14.37 21.53 -20.43
C LEU B 276 13.91 21.00 -19.06
N TRP B 277 14.10 19.70 -18.87
CA TRP B 277 13.91 19.08 -17.57
C TRP B 277 15.08 19.43 -16.67
N GLU B 278 14.80 19.95 -15.47
CA GLU B 278 15.86 20.32 -14.54
C GLU B 278 15.63 19.64 -13.19
N PRO B 279 16.69 19.31 -12.47
CA PRO B 279 16.53 18.85 -11.08
C PRO B 279 15.66 19.82 -10.29
N LEU B 280 14.66 19.28 -9.61
CA LEU B 280 13.69 20.02 -8.81
C LEU B 280 12.83 20.99 -9.64
N LYS B 281 12.97 20.99 -10.96
CA LYS B 281 12.13 21.81 -11.83
C LYS B 281 11.80 20.96 -13.05
N PRO B 282 11.05 19.89 -12.85
CA PRO B 282 10.81 18.95 -13.95
C PRO B 282 9.96 19.57 -15.05
N TYR B 283 10.16 19.09 -16.27
CA TYR B 283 9.22 19.36 -17.35
C TYR B 283 9.16 18.12 -18.23
N LEU B 284 7.97 17.59 -18.43
CA LEU B 284 7.78 16.39 -19.24
C LEU B 284 6.91 16.70 -20.44
N TYR B 285 7.40 16.40 -21.63
CA TYR B 285 6.54 16.36 -22.79
C TYR B 285 5.81 15.02 -22.83
N GLU B 286 4.73 14.97 -23.61
CA GLU B 286 4.05 13.72 -23.93
C GLU B 286 4.32 13.32 -25.37
N VAL B 287 5.02 12.20 -25.55
CA VAL B 287 5.36 11.69 -26.87
C VAL B 287 4.35 10.62 -27.22
N LYS B 288 3.53 10.89 -28.23
CA LYS B 288 2.48 9.97 -28.65
C LYS B 288 2.90 9.26 -29.93
N ILE B 289 2.84 7.93 -29.89
CA ILE B 289 3.25 7.06 -30.99
C ILE B 289 2.07 6.23 -31.45
N SER B 290 1.93 6.12 -32.77
CA SER B 290 0.88 5.29 -33.34
C SER B 290 1.52 4.38 -34.36
N PHE B 291 1.08 3.13 -34.38
CA PHE B 291 1.58 2.14 -35.33
C PHE B 291 0.40 1.24 -35.68
N GLY B 292 -0.12 1.35 -36.90
CA GLY B 292 -1.33 0.60 -37.21
C GLY B 292 -2.45 1.12 -36.33
N GLU B 293 -3.15 0.21 -35.65
CA GLU B 293 -4.15 0.60 -34.67
C GLU B 293 -3.56 0.87 -33.29
N ASP B 294 -2.29 0.53 -33.07
CA ASP B 294 -1.66 0.63 -31.74
C ASP B 294 -1.29 2.06 -31.40
N ARG B 295 -1.52 2.45 -30.14
CA ARG B 295 -1.24 3.79 -29.66
C ARG B 295 -0.60 3.71 -28.29
N TYR B 296 0.41 4.55 -28.06
CA TYR B 296 1.19 4.52 -26.83
C TYR B 296 1.71 5.93 -26.54
N THR B 297 1.64 6.35 -25.28
CA THR B 297 2.12 7.66 -24.85
C THR B 297 3.27 7.49 -23.87
N LEU B 298 4.40 8.16 -24.15
CA LEU B 298 5.58 8.11 -23.30
C LEU B 298 5.88 9.51 -22.77
N PRO B 299 5.83 9.74 -21.45
CA PRO B 299 6.35 11.02 -20.94
C PRO B 299 7.85 11.09 -21.16
N TYR B 300 8.35 12.30 -21.44
CA TYR B 300 9.75 12.43 -21.81
C TYR B 300 10.25 13.81 -21.41
N GLY B 301 11.33 13.85 -20.63
CA GLY B 301 12.01 15.09 -20.29
C GLY B 301 13.28 15.25 -21.11
N ILE B 302 13.54 16.48 -21.54
CA ILE B 302 14.68 16.83 -22.37
C ILE B 302 15.76 17.41 -21.47
N ARG B 303 16.94 16.80 -21.49
CA ARG B 303 18.06 17.28 -20.70
C ARG B 303 19.32 16.61 -21.21
N SER B 304 20.47 17.24 -20.91
CA SER B 304 21.78 16.68 -21.25
C SER B 304 22.54 16.28 -20.00
N VAL B 305 23.37 15.25 -20.14
CA VAL B 305 24.28 14.79 -19.10
C VAL B 305 25.67 14.60 -19.71
N ALA B 306 26.68 15.19 -19.08
CA ALA B 306 28.05 15.02 -19.54
C ALA B 306 29.02 15.20 -18.39
N VAL B 307 30.04 14.36 -18.33
CA VAL B 307 31.19 14.59 -17.46
C VAL B 307 32.25 15.33 -18.26
N LYS B 308 32.76 16.42 -17.70
CA LYS B 308 33.75 17.26 -18.37
C LYS B 308 34.74 17.72 -17.33
N GLY B 309 35.99 17.27 -17.42
CA GLY B 309 36.96 17.60 -16.39
C GLY B 309 36.50 17.01 -15.07
N ASN B 310 36.55 17.81 -14.01
CA ASN B 310 36.06 17.37 -12.71
C ASN B 310 34.61 17.78 -12.47
N LYS B 311 33.84 18.01 -13.52
CA LYS B 311 32.47 18.49 -13.41
C LYS B 311 31.48 17.42 -13.87
N PHE B 312 30.36 17.32 -13.16
CA PHE B 312 29.21 16.53 -13.58
C PHE B 312 28.17 17.51 -14.10
N LEU B 313 28.03 17.61 -15.42
CA LEU B 313 27.23 18.64 -16.05
C LEU B 313 25.84 18.12 -16.37
N ILE B 314 24.82 18.77 -15.82
CA ILE B 314 23.44 18.56 -16.25
C ILE B 314 22.97 19.85 -16.91
N ASN B 315 22.48 19.74 -18.14
CA ASN B 315 22.17 20.90 -18.98
C ASN B 315 23.33 21.89 -18.99
N ASN B 316 24.55 21.35 -19.06
CA ASN B 316 25.79 22.13 -19.17
C ASN B 316 26.09 22.97 -17.93
N LYS B 317 25.59 22.57 -16.76
CA LYS B 317 25.90 23.26 -15.51
C LYS B 317 26.43 22.28 -14.48
N PRO B 318 27.42 22.70 -13.65
CA PRO B 318 28.04 21.77 -12.70
C PRO B 318 27.14 21.45 -11.51
N PHE B 319 26.63 20.23 -11.52
CA PHE B 319 25.71 19.72 -10.51
C PHE B 319 26.47 19.32 -9.24
N TYR B 320 25.79 19.44 -8.10
CA TYR B 320 26.27 18.91 -6.83
C TYR B 320 25.19 17.97 -6.30
N PHE B 321 25.47 16.66 -6.30
CA PHE B 321 24.49 15.70 -5.78
C PHE B 321 24.27 15.94 -4.30
N LYS B 322 23.00 16.03 -3.89
CA LYS B 322 22.64 16.05 -2.47
C LYS B 322 21.57 14.98 -2.26
N GLY B 323 21.88 13.97 -1.46
CA GLY B 323 20.87 12.92 -1.35
C GLY B 323 21.28 11.72 -0.56
N TYR B 324 20.95 10.53 -1.07
CA TYR B 324 21.02 9.31 -0.28
C TYR B 324 21.16 8.10 -1.17
N GLY B 325 21.69 7.04 -0.58
CA GLY B 325 21.32 5.70 -1.01
C GLY B 325 20.03 5.32 -0.28
N LYS B 326 19.11 4.72 -1.02
CA LYS B 326 17.82 4.34 -0.49
C LYS B 326 17.74 2.82 -0.42
N HIS B 327 16.60 2.33 0.06
CA HIS B 327 16.18 0.96 -0.20
C HIS B 327 14.69 1.02 -0.51
N GLU B 328 14.20 -0.01 -1.18
CA GLU B 328 12.76 -0.24 -1.23
C GLU B 328 12.43 -1.05 0.01
N ASP B 329 11.96 -0.37 1.05
CA ASP B 329 11.79 -1.05 2.34
C ASP B 329 10.73 -0.28 3.11
N THR B 330 9.62 -0.95 3.43
CA THR B 330 8.57 -0.40 4.30
C THR B 330 7.97 -1.57 5.06
N PHE B 331 7.26 -1.25 6.16
CA PHE B 331 6.56 -2.29 6.90
C PHE B 331 5.07 -2.26 6.59
N PRO B 332 4.38 -3.39 6.36
CA PRO B 332 4.88 -4.77 6.43
C PRO B 332 5.22 -5.41 5.09
N ALA B 333 5.17 -4.67 3.99
CA ALA B 333 5.33 -5.29 2.68
C ALA B 333 6.78 -5.55 2.31
N GLY B 334 7.75 -5.15 3.13
CA GLY B 334 9.14 -5.42 2.86
C GLY B 334 9.61 -4.63 1.66
N ARG B 335 9.95 -5.34 0.59
CA ARG B 335 10.39 -4.75 -0.68
C ARG B 335 9.23 -4.37 -1.59
N GLY B 336 7.99 -4.66 -1.18
CA GLY B 336 6.85 -4.54 -2.10
C GLY B 336 6.52 -3.10 -2.45
N LEU B 337 6.00 -2.93 -3.67
CA LEU B 337 5.61 -1.61 -4.13
C LEU B 337 4.64 -0.95 -3.14
N ASN B 338 4.98 0.28 -2.73
CA ASN B 338 4.20 1.03 -1.73
C ASN B 338 4.10 2.45 -2.28
N MET B 339 3.04 2.71 -3.04
CA MET B 339 2.98 4.00 -3.71
C MET B 339 2.72 5.19 -2.75
N PRO B 340 1.90 5.07 -1.70
CA PRO B 340 1.84 6.19 -0.74
C PRO B 340 3.21 6.50 -0.12
N MET B 341 3.99 5.48 0.25
CA MET B 341 5.33 5.76 0.76
C MET B 341 6.25 6.36 -0.29
N ASN B 342 6.15 5.93 -1.55
CA ASN B 342 6.96 6.58 -2.57
C ASN B 342 6.69 8.08 -2.61
N ALA B 343 5.41 8.47 -2.55
CA ALA B 343 5.06 9.88 -2.57
C ALA B 343 5.54 10.59 -1.32
N LYS B 344 5.38 9.95 -0.16
CA LYS B 344 5.91 10.52 1.09
C LYS B 344 7.42 10.71 1.01
N ASP B 345 8.15 9.71 0.50
CA ASP B 345 9.60 9.82 0.47
C ASP B 345 10.07 10.97 -0.39
N ILE B 346 9.48 11.14 -1.58
CA ILE B 346 9.83 12.30 -2.42
CA ILE B 346 9.85 12.30 -2.41
C ILE B 346 9.51 13.60 -1.70
N SER B 347 8.35 13.67 -1.05
N SER B 347 8.37 13.66 -1.01
CA SER B 347 8.00 14.87 -0.29
CA SER B 347 8.01 14.87 -0.28
C SER B 347 9.05 15.18 0.77
C SER B 347 9.02 15.18 0.81
N LEU B 348 9.53 14.15 1.48
CA LEU B 348 10.56 14.35 2.51
C LEU B 348 11.87 14.81 1.88
N MET B 349 12.20 14.25 0.72
CA MET B 349 13.40 14.63 -0.01
C MET B 349 13.37 16.12 -0.34
N LYS B 350 12.21 16.59 -0.82
CA LYS B 350 12.08 18.00 -1.17
C LYS B 350 12.05 18.88 0.09
N TRP B 351 11.39 18.41 1.15
CA TRP B 351 11.45 19.08 2.44
C TRP B 351 12.89 19.23 2.92
N GLN B 352 13.71 18.21 2.70
CA GLN B 352 15.07 18.21 3.24
C GLN B 352 16.05 19.00 2.38
N GLY B 353 15.69 19.32 1.15
CA GLY B 353 16.61 19.97 0.24
C GLY B 353 17.48 19.04 -0.58
N ALA B 354 17.14 17.75 -0.64
CA ALA B 354 17.88 16.80 -1.47
C ALA B 354 17.47 16.96 -2.94
N ASN B 355 18.34 16.46 -3.84
CA ASN B 355 18.02 16.50 -5.26
C ASN B 355 18.20 15.15 -5.96
N SER B 356 18.58 14.08 -5.25
CA SER B 356 19.02 12.87 -5.92
C SER B 356 18.99 11.68 -4.97
N PHE B 357 18.93 10.48 -5.54
CA PHE B 357 19.25 9.28 -4.77
C PHE B 357 19.78 8.19 -5.71
N ARG B 358 20.30 7.12 -5.11
CA ARG B 358 20.79 5.97 -5.84
C ARG B 358 19.86 4.80 -5.55
N THR B 359 19.57 3.98 -6.56
CA THR B 359 18.70 2.81 -6.35
C THR B 359 19.53 1.64 -5.81
N SER B 360 20.12 1.87 -4.65
CA SER B 360 20.82 0.80 -3.93
C SER B 360 19.82 -0.25 -3.45
N HIS B 361 20.10 -1.55 -3.67
CA HIS B 361 21.15 -2.08 -4.55
C HIS B 361 20.51 -2.97 -5.62
N TYR B 362 19.56 -2.43 -6.35
CA TYR B 362 18.74 -3.17 -7.30
C TYR B 362 17.88 -2.14 -7.99
N PRO B 363 17.45 -2.39 -9.24
CA PRO B 363 16.50 -1.48 -9.88
C PRO B 363 15.25 -1.34 -9.02
N TYR B 364 14.73 -0.12 -8.97
CA TYR B 364 13.48 0.13 -8.23
C TYR B 364 12.29 0.01 -9.16
N SER B 365 11.09 0.17 -8.60
CA SER B 365 9.85 0.02 -9.37
C SER B 365 9.77 1.09 -10.47
N GLU B 366 9.12 0.72 -11.58
CA GLU B 366 8.88 1.72 -12.61
C GLU B 366 8.02 2.85 -12.09
N GLU B 367 7.13 2.55 -11.14
CA GLU B 367 6.28 3.58 -10.56
C GLU B 367 7.12 4.64 -9.87
N MET B 368 8.17 4.22 -9.15
CA MET B 368 9.05 5.18 -8.50
C MET B 368 9.80 5.98 -9.57
N MET B 369 10.32 5.28 -10.59
CA MET B 369 11.13 5.96 -11.59
C MET B 369 10.30 6.97 -12.36
N ARG B 370 9.03 6.65 -12.65
CA ARG B 370 8.16 7.60 -13.33
C ARG B 370 7.79 8.77 -12.43
N LEU B 371 7.65 8.52 -11.14
CA LEU B 371 7.40 9.64 -10.22
C LEU B 371 8.62 10.54 -10.12
N CYS B 372 9.84 9.98 -10.18
CA CYS B 372 11.02 10.84 -10.11
C CYS B 372 11.13 11.72 -11.34
N ASP B 373 10.76 11.20 -12.52
CA ASP B 373 10.67 12.03 -13.71
C ASP B 373 9.69 13.17 -13.49
N GLU B 374 8.55 12.87 -12.87
CA GLU B 374 7.49 13.87 -12.70
C GLU B 374 7.87 14.91 -11.65
N GLU B 375 8.69 14.53 -10.68
CA GLU B 375 8.97 15.40 -9.54
C GLU B 375 10.32 16.10 -9.63
N GLY B 376 11.20 15.66 -10.53
CA GLY B 376 12.49 16.30 -10.71
C GLY B 376 13.60 15.80 -9.82
N ILE B 377 13.57 14.52 -9.44
CA ILE B 377 14.57 13.92 -8.56
C ILE B 377 15.54 13.14 -9.44
N VAL B 378 16.84 13.43 -9.30
CA VAL B 378 17.88 12.79 -10.10
C VAL B 378 18.20 11.41 -9.54
N VAL B 379 18.45 10.44 -10.41
CA VAL B 379 18.64 9.05 -9.98
C VAL B 379 19.95 8.50 -10.54
N ILE B 380 20.73 7.84 -9.68
CA ILE B 380 21.80 6.95 -10.10
C ILE B 380 21.21 5.54 -10.12
N ASP B 381 21.09 4.95 -11.32
CA ASP B 381 20.35 3.69 -11.52
C ASP B 381 21.33 2.53 -11.39
N GLU B 382 21.11 1.66 -10.39
CA GLU B 382 22.09 0.64 -10.05
C GLU B 382 21.55 -0.75 -10.38
N THR B 383 22.45 -1.63 -10.83
CA THR B 383 22.09 -3.03 -11.07
C THR B 383 21.92 -3.76 -9.73
N THR B 384 21.58 -5.05 -9.83
CA THR B 384 21.47 -5.96 -8.70
C THR B 384 22.79 -6.52 -8.22
N ALA B 385 23.92 -6.08 -8.79
CA ALA B 385 25.21 -6.74 -8.56
C ALA B 385 25.85 -6.26 -7.25
N VAL B 386 25.29 -6.75 -6.13
CA VAL B 386 25.89 -6.55 -4.82
C VAL B 386 26.32 -7.92 -4.29
N GLY B 387 27.45 -7.94 -3.59
CA GLY B 387 28.01 -9.17 -3.10
C GLY B 387 28.97 -9.89 -4.03
N VAL B 388 29.45 -9.23 -5.10
CA VAL B 388 30.39 -9.88 -6.01
C VAL B 388 31.78 -9.79 -5.38
N HIS B 389 32.00 -10.63 -4.37
CA HIS B 389 33.14 -10.48 -3.47
C HIS B 389 33.22 -11.71 -2.58
N LEU B 390 34.23 -12.56 -2.80
CA LEU B 390 34.38 -13.79 -2.05
C LEU B 390 35.48 -13.73 -0.99
N ASN B 391 36.05 -12.56 -0.72
CA ASN B 391 37.16 -12.46 0.23
C ASN B 391 37.01 -11.21 1.11
N PHE B 392 35.83 -11.00 1.67
CA PHE B 392 35.65 -9.84 2.55
C PHE B 392 35.63 -10.24 4.02
N VAL B 404 40.57 -19.03 -2.35
CA VAL B 404 39.83 -18.79 -3.60
C VAL B 404 39.63 -17.29 -3.81
N ASN B 405 39.90 -16.82 -5.02
CA ASN B 405 39.75 -15.41 -5.37
C ASN B 405 38.43 -15.19 -6.08
N THR B 406 37.84 -14.01 -5.85
CA THR B 406 36.54 -13.69 -6.39
C THR B 406 36.46 -13.92 -7.89
N PHE B 407 37.48 -13.47 -8.62
CA PHE B 407 37.43 -13.50 -10.08
C PHE B 407 38.34 -14.58 -10.67
N ASP B 408 38.62 -15.64 -9.90
CA ASP B 408 39.20 -16.86 -10.43
C ASP B 408 38.26 -17.48 -11.46
N PRO B 409 38.77 -18.36 -12.32
CA PRO B 409 37.87 -19.04 -13.27
C PRO B 409 36.75 -19.78 -12.55
N ILE B 410 35.60 -19.84 -13.23
CA ILE B 410 34.44 -20.57 -12.69
C ILE B 410 34.84 -21.99 -12.32
N GLU B 411 35.73 -22.59 -13.12
CA GLU B 411 36.20 -23.94 -12.85
C GLU B 411 36.87 -24.03 -11.49
N GLN B 412 37.60 -22.98 -11.10
CA GLN B 412 38.39 -22.97 -9.88
C GLN B 412 37.65 -22.32 -8.70
N GLY B 413 36.33 -22.15 -8.79
CA GLY B 413 35.56 -21.64 -7.68
C GLY B 413 35.34 -20.15 -7.63
N GLY B 414 35.61 -19.43 -8.72
CA GLY B 414 35.34 -18.01 -8.76
C GLY B 414 33.86 -17.73 -8.94
N ILE B 415 33.51 -16.44 -8.79
CA ILE B 415 32.12 -16.02 -8.89
C ILE B 415 31.55 -16.36 -10.26
N ARG B 416 30.29 -16.80 -10.29
CA ARG B 416 29.66 -17.29 -11.50
C ARG B 416 28.58 -16.35 -12.04
N THR B 417 28.77 -15.04 -11.86
CA THR B 417 27.71 -14.08 -12.11
C THR B 417 27.84 -13.29 -13.41
N GLN B 418 28.94 -13.43 -14.16
CA GLN B 418 29.16 -12.45 -15.22
C GLN B 418 28.11 -12.53 -16.31
N SER B 419 27.65 -13.75 -16.65
CA SER B 419 26.65 -13.88 -17.70
C SER B 419 25.34 -13.22 -17.30
N HIS B 420 24.84 -13.56 -16.11
CA HIS B 420 23.62 -12.90 -15.64
C HIS B 420 23.85 -11.40 -15.47
N HIS B 421 25.07 -11.01 -15.08
CA HIS B 421 25.40 -9.60 -14.92
C HIS B 421 25.21 -8.83 -16.23
N LYS B 422 25.61 -9.43 -17.36
CA LYS B 422 25.36 -8.79 -18.65
C LYS B 422 23.87 -8.67 -18.92
N GLU B 423 23.09 -9.71 -18.59
CA GLU B 423 21.65 -9.66 -18.83
C GLU B 423 20.99 -8.58 -18.00
N VAL B 424 21.44 -8.41 -16.76
CA VAL B 424 20.84 -7.39 -15.91
C VAL B 424 21.11 -6.00 -16.48
N ILE B 425 22.34 -5.77 -16.93
CA ILE B 425 22.67 -4.49 -17.56
C ILE B 425 21.80 -4.26 -18.79
N LYS B 426 21.69 -5.27 -19.65
CA LYS B 426 20.83 -5.15 -20.83
C LYS B 426 19.41 -4.81 -20.44
N ASP B 427 18.85 -5.55 -19.49
CA ASP B 427 17.44 -5.37 -19.16
C ASP B 427 17.19 -4.05 -18.44
N LEU B 428 18.12 -3.65 -17.57
CA LEU B 428 17.96 -2.39 -16.86
C LEU B 428 17.96 -1.21 -17.82
N ILE B 429 18.93 -1.17 -18.73
CA ILE B 429 19.01 -0.05 -19.67
C ILE B 429 17.81 -0.08 -20.62
N ALA B 430 17.39 -1.27 -21.05
CA ALA B 430 16.20 -1.37 -21.89
C ALA B 430 14.99 -0.77 -21.20
N ARG B 431 14.87 -0.96 -19.88
CA ARG B 431 13.69 -0.49 -19.16
C ARG B 431 13.73 1.02 -18.88
N ASP B 432 14.90 1.54 -18.54
CA ASP B 432 15.01 2.87 -17.97
C ASP B 432 15.69 3.87 -18.90
N LYS B 433 16.07 3.47 -20.11
CA LYS B 433 16.85 4.34 -21.00
C LYS B 433 16.21 5.69 -21.24
N ASN B 434 14.88 5.77 -21.29
CA ASN B 434 14.27 7.04 -21.67
C ASN B 434 14.04 8.00 -20.50
N HIS B 435 14.44 7.64 -19.29
CA HIS B 435 14.16 8.48 -18.12
C HIS B 435 15.15 9.64 -18.06
N ALA B 436 14.63 10.87 -18.11
CA ALA B 436 15.46 12.04 -17.84
C ALA B 436 16.12 11.96 -16.47
N CYS B 437 15.40 11.39 -15.48
CA CYS B 437 15.91 11.42 -14.11
C CYS B 437 17.16 10.56 -13.95
N VAL B 438 17.33 9.53 -14.79
CA VAL B 438 18.51 8.68 -14.71
C VAL B 438 19.68 9.39 -15.39
N VAL B 439 20.72 9.71 -14.60
CA VAL B 439 21.90 10.44 -15.09
C VAL B 439 23.16 9.60 -15.11
N MET B 440 23.17 8.43 -14.50
CA MET B 440 24.40 7.66 -14.38
C MET B 440 23.99 6.23 -14.09
N TRP B 441 24.72 5.26 -14.63
CA TRP B 441 24.52 3.84 -14.33
C TRP B 441 25.58 3.39 -13.33
N SER B 442 25.14 2.65 -12.31
CA SER B 442 26.06 2.01 -11.37
C SER B 442 26.12 0.52 -11.67
N ILE B 443 27.31 0.03 -12.02
CA ILE B 443 27.44 -1.32 -12.54
C ILE B 443 27.42 -2.38 -11.43
N ALA B 444 27.86 -2.03 -10.22
CA ALA B 444 27.97 -2.96 -9.11
C ALA B 444 28.17 -2.17 -7.83
N ASN B 445 27.76 -2.74 -6.70
CA ASN B 445 28.03 -2.14 -5.38
C ASN B 445 29.03 -3.00 -4.64
N GLU B 446 30.21 -2.43 -4.38
CA GLU B 446 31.18 -3.00 -3.44
C GLU B 446 31.64 -4.39 -3.88
N ALA B 447 31.87 -4.54 -5.17
CA ALA B 447 32.55 -5.73 -5.67
C ALA B 447 34.02 -5.71 -5.24
N ASP B 448 34.72 -6.83 -5.49
CA ASP B 448 36.11 -7.00 -5.05
C ASP B 448 37.07 -6.35 -6.05
N THR B 449 36.94 -5.03 -6.22
CA THR B 449 37.58 -4.35 -7.34
C THR B 449 39.06 -4.05 -7.12
N GLY B 450 39.57 -4.27 -5.91
CA GLY B 450 40.98 -4.15 -5.66
C GLY B 450 41.78 -5.42 -5.85
N SER B 451 41.14 -6.51 -6.30
CA SER B 451 41.80 -7.80 -6.48
C SER B 451 42.03 -8.11 -7.95
N LYS B 452 42.93 -9.07 -8.18
CA LYS B 452 43.29 -9.44 -9.54
C LYS B 452 42.13 -10.13 -10.24
N GLY B 453 41.93 -9.78 -11.51
CA GLY B 453 40.82 -10.27 -12.28
C GLY B 453 39.63 -9.32 -12.32
N ALA B 454 39.59 -8.35 -11.40
CA ALA B 454 38.44 -7.44 -11.33
C ALA B 454 38.27 -6.66 -12.63
N TYR B 455 39.35 -6.05 -13.12
CA TYR B 455 39.24 -5.31 -14.38
C TYR B 455 38.73 -6.21 -15.50
N GLU B 456 39.23 -7.44 -15.55
CA GLU B 456 38.84 -8.36 -16.59
C GLU B 456 37.36 -8.73 -16.48
N TYR B 457 36.85 -8.83 -15.25
CA TYR B 457 35.42 -9.06 -15.04
C TYR B 457 34.58 -7.86 -15.48
N PHE B 458 35.03 -6.64 -15.13
CA PHE B 458 34.16 -5.48 -15.30
C PHE B 458 34.27 -4.80 -16.66
N LYS B 459 35.43 -4.87 -17.30
CA LYS B 459 35.59 -4.22 -18.61
C LYS B 459 34.52 -4.60 -19.62
N PRO B 460 34.18 -5.88 -19.83
CA PRO B 460 33.08 -6.17 -20.77
C PRO B 460 31.75 -5.57 -20.33
N LEU B 461 31.52 -5.39 -19.02
CA LEU B 461 30.24 -4.88 -18.55
C LEU B 461 30.13 -3.37 -18.75
N PHE B 462 31.22 -2.63 -18.51
CA PHE B 462 31.22 -1.21 -18.83
C PHE B 462 31.08 -1.00 -20.33
N ASP B 463 31.78 -1.81 -21.15
CA ASP B 463 31.63 -1.71 -22.59
C ASP B 463 30.19 -1.96 -23.02
N LEU B 464 29.55 -2.96 -22.41
CA LEU B 464 28.16 -3.27 -22.74
C LEU B 464 27.25 -2.10 -22.38
N ALA B 465 27.41 -1.53 -21.17
CA ALA B 465 26.55 -0.44 -20.75
C ALA B 465 26.68 0.78 -21.67
N ARG B 466 27.91 1.09 -22.09
CA ARG B 466 28.09 2.23 -22.97
C ARG B 466 27.57 1.95 -24.37
N GLU B 467 27.65 0.69 -24.82
CA GLU B 467 27.11 0.36 -26.14
C GLU B 467 25.60 0.46 -26.18
N LEU B 468 24.92 0.02 -25.13
CA LEU B 468 23.46 -0.10 -25.14
C LEU B 468 22.74 1.18 -24.76
N ASP B 469 23.34 2.05 -23.95
CA ASP B 469 22.66 3.28 -23.59
C ASP B 469 22.71 4.25 -24.75
N PRO B 470 21.57 4.52 -25.39
CA PRO B 470 21.59 5.48 -26.51
C PRO B 470 22.10 6.84 -26.10
N GLN B 471 21.91 7.24 -24.85
CA GLN B 471 22.33 8.57 -24.42
C GLN B 471 23.79 8.62 -23.99
N LYS B 472 24.47 7.47 -23.87
CA LYS B 472 25.88 7.44 -23.51
C LYS B 472 26.14 8.17 -22.19
N ARG B 473 25.31 7.88 -21.19
CA ARG B 473 25.44 8.50 -19.88
C ARG B 473 26.68 7.99 -19.16
N PRO B 474 27.15 8.72 -18.15
CA PRO B 474 28.28 8.24 -17.35
C PRO B 474 27.98 6.89 -16.72
N CYS B 475 29.05 6.11 -16.54
CA CYS B 475 29.01 4.83 -15.85
C CYS B 475 29.99 4.83 -14.68
N THR B 476 29.60 4.14 -13.61
CA THR B 476 30.44 4.02 -12.43
C THR B 476 30.25 2.63 -11.84
N LEU B 477 31.17 2.25 -10.96
CA LEU B 477 30.86 1.24 -9.97
C LEU B 477 31.02 1.89 -8.60
N VAL B 478 30.34 1.33 -7.61
CA VAL B 478 30.38 1.92 -6.28
C VAL B 478 31.44 1.20 -5.46
N SER B 479 32.42 1.96 -4.97
CA SER B 479 33.69 1.42 -4.48
C SER B 479 33.63 1.11 -3.00
N LEU B 480 33.97 -0.14 -2.67
CA LEU B 480 34.09 -0.58 -1.30
C LEU B 480 35.32 0.04 -0.64
N GLN B 481 35.22 0.33 0.64
CA GLN B 481 36.38 0.82 1.38
C GLN B 481 37.42 -0.29 1.49
N MET B 482 38.68 0.04 1.25
CA MET B 482 39.69 -0.96 0.97
C MET B 482 41.07 -0.36 1.22
N VAL B 483 41.97 -1.13 1.83
CA VAL B 483 43.27 -0.58 2.22
C VAL B 483 44.08 -0.22 0.97
N ASN B 484 43.95 -1.01 -0.09
CA ASN B 484 44.69 -0.79 -1.34
C ASN B 484 43.86 -0.01 -2.35
N TYR B 485 43.34 1.15 -1.90
CA TYR B 485 42.35 1.88 -2.71
C TYR B 485 42.96 2.41 -4.01
N LYS B 486 44.28 2.67 -4.04
CA LYS B 486 44.87 3.08 -5.32
C LYS B 486 44.86 1.97 -6.36
N GLU B 487 44.56 0.73 -5.98
CA GLU B 487 44.47 -0.37 -6.93
C GLU B 487 43.03 -0.71 -7.33
N ASP B 488 42.05 0.03 -6.80
CA ASP B 488 40.66 -0.11 -7.21
C ASP B 488 40.51 0.06 -8.72
N CYS B 489 40.02 -0.99 -9.39
CA CYS B 489 39.90 -0.92 -10.85
C CYS B 489 38.86 0.10 -11.32
N THR B 490 38.10 0.73 -10.41
CA THR B 490 37.23 1.82 -10.85
C THR B 490 38.02 2.93 -11.54
N ILE B 491 39.29 3.12 -11.15
CA ILE B 491 40.11 4.18 -11.71
C ILE B 491 40.29 3.98 -13.21
N LYS B 492 40.30 2.73 -13.67
CA LYS B 492 40.49 2.42 -15.08
C LYS B 492 39.19 2.43 -15.89
N LEU B 493 38.03 2.44 -15.24
CA LEU B 493 36.77 2.18 -15.92
C LEU B 493 35.73 3.28 -15.81
N SER B 494 35.60 3.93 -14.65
CA SER B 494 34.46 4.80 -14.36
C SER B 494 34.66 6.24 -14.81
N ASP B 495 33.53 6.89 -15.14
CA ASP B 495 33.51 8.32 -15.41
C ASP B 495 33.46 9.15 -14.15
N VAL B 496 32.89 8.60 -13.08
CA VAL B 496 32.78 9.23 -11.78
C VAL B 496 33.22 8.20 -10.76
N PHE B 497 34.05 8.60 -9.80
CA PHE B 497 34.44 7.67 -8.76
C PHE B 497 33.46 7.81 -7.60
N CYS B 498 32.72 6.74 -7.33
CA CYS B 498 31.65 6.76 -6.31
C CYS B 498 32.12 5.92 -5.15
N LEU B 499 32.34 6.55 -4.00
CA LEU B 499 33.02 5.92 -2.87
C LEU B 499 32.05 5.67 -1.72
N ASN B 500 32.16 4.48 -1.13
CA ASN B 500 31.46 4.15 0.12
C ASN B 500 32.50 4.17 1.22
N ARG B 501 32.41 5.12 2.16
CA ARG B 501 33.44 5.31 3.16
C ARG B 501 32.79 5.58 4.51
N TYR B 502 33.37 4.99 5.55
CA TYR B 502 32.83 5.04 6.91
C TYR B 502 33.91 5.49 7.89
N TYR B 503 34.52 6.64 7.59
CA TYR B 503 35.48 7.25 8.50
C TYR B 503 34.74 7.81 9.70
N GLY B 504 34.94 7.19 10.87
CA GLY B 504 34.17 7.54 12.06
C GLY B 504 33.14 6.50 12.44
N TRP B 505 32.97 5.44 11.65
CA TRP B 505 32.07 4.36 12.05
C TRP B 505 32.79 3.02 12.02
N TYR B 506 33.08 2.47 10.83
CA TYR B 506 33.79 1.19 10.78
C TYR B 506 35.29 1.33 10.99
N THR B 507 35.80 2.54 10.94
CA THR B 507 37.15 2.85 11.38
C THR B 507 37.10 4.19 12.11
N CYS B 508 37.99 4.37 13.08
CA CYS B 508 38.04 5.59 13.87
C CYS B 508 36.73 5.82 14.64
N GLY B 509 36.05 4.74 15.01
CA GLY B 509 34.82 4.90 15.77
C GLY B 509 35.06 5.58 17.09
N ALA B 510 34.32 6.64 17.38
CA ALA B 510 34.46 7.45 18.58
C ALA B 510 35.83 8.15 18.66
N ASP B 511 36.50 8.34 17.50
CA ASP B 511 37.72 9.15 17.41
C ASP B 511 37.59 9.99 16.14
N LEU B 512 36.72 11.01 16.19
CA LEU B 512 36.41 11.73 14.96
C LEU B 512 37.57 12.63 14.55
N GLN B 513 38.44 13.01 15.47
CA GLN B 513 39.64 13.72 15.06
C GLN B 513 40.52 12.84 14.18
N ALA B 514 40.69 11.57 14.57
CA ALA B 514 41.42 10.63 13.73
C ALA B 514 40.68 10.34 12.45
N ALA B 515 39.35 10.24 12.52
CA ALA B 515 38.56 10.04 11.32
C ALA B 515 38.81 11.14 10.30
N GLU B 516 38.89 12.39 10.77
CA GLU B 516 39.07 13.49 9.84
C GLU B 516 40.42 13.38 9.13
N LYS B 517 41.47 13.05 9.89
CA LYS B 517 42.81 12.92 9.33
C LYS B 517 42.88 11.79 8.31
N MET B 518 42.30 10.63 8.64
CA MET B 518 42.37 9.51 7.71
C MET B 518 41.49 9.75 6.49
N CYS B 519 40.31 10.35 6.69
CA CYS B 519 39.48 10.78 5.58
C CYS B 519 40.26 11.70 4.64
N ARG B 520 40.88 12.75 5.17
CA ARG B 520 41.60 13.68 4.31
C ARG B 520 42.71 12.98 3.54
N GLU B 521 43.48 12.10 4.19
CA GLU B 521 44.59 11.48 3.49
C GLU B 521 44.14 10.70 2.27
N GLU B 522 43.06 9.93 2.38
CA GLU B 522 42.61 9.17 1.22
C GLU B 522 41.93 10.06 0.19
N LEU B 523 41.04 10.95 0.64
CA LEU B 523 40.28 11.72 -0.34
C LEU B 523 41.15 12.73 -1.07
N GLU B 524 42.28 13.14 -0.49
CA GLU B 524 43.19 13.98 -1.28
C GLU B 524 43.80 13.20 -2.43
N PHE B 525 43.95 11.88 -2.29
CA PHE B 525 44.37 11.06 -3.43
C PHE B 525 43.34 11.12 -4.56
N TRP B 526 42.08 10.80 -4.25
CA TRP B 526 41.05 10.81 -5.28
C TRP B 526 40.93 12.19 -5.91
N ASN B 527 41.01 13.23 -5.07
CA ASN B 527 40.95 14.60 -5.57
C ASN B 527 42.10 14.94 -6.50
N SER B 528 43.24 14.26 -6.35
CA SER B 528 44.39 14.53 -7.21
C SER B 528 44.24 13.96 -8.61
N LEU B 529 43.25 13.09 -8.85
CA LEU B 529 43.10 12.48 -10.17
C LEU B 529 42.40 13.38 -11.17
N GLY B 530 41.72 14.44 -10.72
CA GLY B 530 41.14 15.40 -11.64
C GLY B 530 39.76 15.06 -12.16
N LYS B 531 39.20 13.94 -11.75
CA LYS B 531 37.89 13.52 -12.21
C LYS B 531 36.84 13.73 -11.12
N PRO B 532 35.55 13.79 -11.48
CA PRO B 532 34.54 13.95 -10.42
C PRO B 532 34.51 12.71 -9.53
N PHE B 533 34.35 12.94 -8.24
CA PHE B 533 34.13 11.84 -7.31
C PHE B 533 33.12 12.30 -6.26
N MET B 534 32.58 11.32 -5.54
CA MET B 534 31.53 11.64 -4.59
C MET B 534 31.43 10.52 -3.58
N TYR B 535 30.73 10.82 -2.49
CA TYR B 535 30.23 9.81 -1.58
C TYR B 535 28.91 9.27 -2.08
N THR B 536 28.81 7.94 -2.23
CA THR B 536 27.53 7.29 -2.39
C THR B 536 27.05 6.61 -1.12
N GLU B 537 27.93 6.44 -0.13
CA GLU B 537 27.58 5.99 1.21
C GLU B 537 28.54 6.60 2.21
N TYR B 538 27.98 7.07 3.33
CA TYR B 538 28.69 7.45 4.54
C TYR B 538 27.64 7.66 5.61
N GLY B 539 27.88 7.12 6.80
CA GLY B 539 26.88 7.18 7.85
C GLY B 539 27.31 6.41 9.07
N ALA B 540 26.38 6.36 10.04
CA ALA B 540 26.66 5.85 11.38
C ALA B 540 25.34 5.33 11.95
N ASP B 541 25.33 4.12 12.50
CA ASP B 541 24.10 3.58 13.06
C ASP B 541 23.66 4.45 14.23
N THR B 542 22.38 4.78 14.24
CA THR B 542 21.83 5.76 15.17
C THR B 542 20.45 5.26 15.59
N VAL B 543 20.27 4.97 16.86
CA VAL B 543 18.97 4.52 17.35
C VAL B 543 18.22 5.76 17.82
N MET B 544 17.09 6.07 17.18
N MET B 544 17.07 6.03 17.21
CA MET B 544 16.31 7.22 17.62
CA MET B 544 16.25 7.17 17.62
C MET B 544 16.01 7.09 19.10
C MET B 544 15.93 7.09 19.11
N GLY B 545 16.15 8.19 19.83
CA GLY B 545 15.93 8.22 21.26
C GLY B 545 17.19 8.05 22.09
N LEU B 546 18.31 7.66 21.50
CA LEU B 546 19.56 7.56 22.23
C LEU B 546 20.34 8.86 22.06
N HIS B 547 20.81 9.42 23.18
CA HIS B 547 21.42 10.74 23.18
C HIS B 547 22.62 10.79 24.12
N ASP B 548 23.55 11.67 23.79
CA ASP B 548 24.64 12.03 24.68
C ASP B 548 25.22 13.33 24.14
N THR B 549 25.58 14.25 25.04
CA THR B 549 26.29 15.45 24.63
C THR B 549 27.74 15.16 24.24
N THR B 550 28.29 14.06 24.71
CA THR B 550 29.69 13.69 24.54
C THR B 550 29.76 12.51 23.58
N ASP B 551 30.60 12.63 22.55
CA ASP B 551 30.65 11.71 21.40
C ASP B 551 30.48 10.25 21.81
N SER B 552 29.37 9.62 21.40
N SER B 552 29.38 9.63 21.36
CA SER B 552 29.05 8.26 21.77
CA SER B 552 29.04 8.27 21.77
C SER B 552 28.35 7.59 20.60
C SER B 552 28.35 7.58 20.60
N MET B 553 28.94 6.52 20.07
CA MET B 553 28.31 5.85 18.93
C MET B 553 26.92 5.32 19.27
N PHE B 554 26.08 5.32 18.24
CA PHE B 554 24.66 4.96 18.21
C PHE B 554 23.76 6.08 18.69
N THR B 555 24.30 7.22 19.17
CA THR B 555 23.43 8.32 19.56
C THR B 555 23.14 9.27 18.40
N GLU B 556 22.05 10.01 18.54
CA GLU B 556 21.64 10.97 17.53
C GLU B 556 22.68 12.08 17.35
N GLU B 557 23.34 12.47 18.45
CA GLU B 557 24.34 13.53 18.35
C GLU B 557 25.59 13.04 17.62
N TYR B 558 25.97 11.77 17.84
CA TYR B 558 27.16 11.27 17.16
C TYR B 558 26.93 11.20 15.66
N GLN B 559 25.70 10.88 15.24
CA GLN B 559 25.40 10.90 13.81
C GLN B 559 25.70 12.27 13.21
N VAL B 560 25.28 13.34 13.89
CA VAL B 560 25.55 14.69 13.39
C VAL B 560 27.06 14.96 13.35
N GLU B 561 27.77 14.63 14.45
CA GLU B 561 29.20 14.94 14.49
C GLU B 561 29.97 14.13 13.46
N TYR B 562 29.56 12.88 13.23
CA TYR B 562 30.14 12.08 12.16
C TYR B 562 30.04 12.81 10.83
N TYR B 563 28.87 13.36 10.51
CA TYR B 563 28.70 14.03 9.23
C TYR B 563 29.46 15.35 9.19
N LYS B 564 29.40 16.13 10.27
CA LYS B 564 30.17 17.37 10.34
C LYS B 564 31.65 17.13 10.07
N THR B 565 32.20 16.06 10.66
CA THR B 565 33.63 15.75 10.49
C THR B 565 33.95 15.41 9.04
N ASN B 566 33.11 14.62 8.38
CA ASN B 566 33.35 14.27 6.99
C ASN B 566 33.25 15.51 6.09
N HIS B 567 32.28 16.39 6.35
CA HIS B 567 32.11 17.55 5.48
C HIS B 567 33.25 18.54 5.65
N LYS B 568 33.89 18.57 6.82
CA LYS B 568 35.09 19.39 7.00
C LYS B 568 36.12 19.09 5.92
N VAL B 569 36.22 17.83 5.52
CA VAL B 569 37.15 17.43 4.47
C VAL B 569 36.54 17.64 3.09
N THR B 570 35.34 17.08 2.84
CA THR B 570 34.82 17.06 1.47
C THR B 570 34.58 18.47 0.92
N ASP B 571 34.20 19.42 1.79
CA ASP B 571 33.92 20.77 1.34
C ASP B 571 35.16 21.49 0.84
N THR B 572 36.36 20.99 1.18
CA THR B 572 37.61 21.59 0.73
C THR B 572 38.15 20.97 -0.55
N LEU B 573 37.48 19.97 -1.10
CA LEU B 573 38.04 19.18 -2.20
C LEU B 573 37.29 19.51 -3.48
N ASP B 574 38.02 20.07 -4.44
CA ASP B 574 37.43 20.62 -5.65
C ASP B 574 36.67 19.58 -6.46
N CYS B 575 37.22 18.37 -6.56
CA CYS B 575 36.65 17.31 -7.41
C CYS B 575 35.51 16.56 -6.76
N PHE B 576 35.23 16.81 -5.48
CA PHE B 576 34.14 16.13 -4.79
C PHE B 576 32.82 16.81 -5.15
N ILE B 577 31.99 16.14 -5.95
CA ILE B 577 30.82 16.77 -6.57
C ILE B 577 29.51 16.21 -6.05
N GLY B 578 29.53 15.43 -4.97
CA GLY B 578 28.25 14.94 -4.50
C GLY B 578 28.33 14.23 -3.18
N GLU B 579 27.26 14.31 -2.39
CA GLU B 579 27.15 13.62 -1.11
C GLU B 579 25.83 12.88 -1.06
N GLN B 580 25.88 11.56 -0.99
CA GLN B 580 24.69 10.75 -0.81
C GLN B 580 24.93 9.93 0.44
N VAL B 581 24.10 10.17 1.47
CA VAL B 581 24.28 9.49 2.75
C VAL B 581 23.82 8.04 2.64
N TRP B 582 24.35 7.23 3.53
CA TRP B 582 23.76 5.93 3.83
C TRP B 582 23.15 6.10 5.23
N ASN B 583 21.82 6.03 5.34
CA ASN B 583 20.85 5.73 4.29
C ASN B 583 19.72 6.75 4.43
N PHE B 584 18.83 6.84 3.45
CA PHE B 584 17.60 7.63 3.62
C PHE B 584 16.86 7.24 4.89
N ALA B 585 16.63 5.93 5.10
CA ALA B 585 15.83 5.48 6.23
C ALA B 585 16.30 4.12 6.73
N ASP B 586 16.14 3.90 8.04
CA ASP B 586 16.41 2.58 8.63
C ASP B 586 15.69 1.49 7.84
N PHE B 587 16.32 0.31 7.73
CA PHE B 587 15.75 -0.77 6.91
C PHE B 587 16.12 -2.13 7.50
N ALA B 588 15.40 -3.17 7.06
CA ALA B 588 15.58 -4.51 7.61
C ALA B 588 16.80 -5.22 7.03
N THR B 589 17.50 -5.97 7.88
CA THR B 589 18.65 -6.78 7.44
C THR B 589 18.55 -8.18 8.03
N SER B 590 19.53 -9.01 7.69
CA SER B 590 19.67 -10.29 8.39
C SER B 590 20.04 -10.03 9.85
N GLN B 591 19.83 -11.05 10.68
N GLN B 591 19.82 -11.05 10.68
CA GLN B 591 20.11 -10.92 12.10
CA GLN B 591 20.11 -10.92 12.10
C GLN B 591 21.59 -11.07 12.38
C GLN B 591 21.61 -11.05 12.35
N GLY B 592 22.07 -10.35 13.38
CA GLY B 592 23.48 -10.42 13.74
C GLY B 592 23.80 -9.46 14.87
N LEU B 593 24.99 -9.67 15.44
CA LEU B 593 25.39 -8.92 16.63
C LEU B 593 25.64 -7.44 16.37
N ILE B 594 25.82 -7.01 15.12
CA ILE B 594 26.03 -5.60 14.84
C ILE B 594 24.81 -4.94 14.21
N ARG B 595 23.68 -5.65 14.12
CA ARG B 595 22.48 -5.09 13.48
C ARG B 595 21.37 -4.96 14.52
N VAL B 596 21.17 -3.73 14.99
CA VAL B 596 20.23 -3.43 16.07
C VAL B 596 18.83 -3.44 15.48
N GLN B 597 18.29 -4.62 15.26
CA GLN B 597 17.03 -4.79 14.53
C GLN B 597 17.10 -4.09 13.17
N GLY B 598 18.01 -4.59 12.34
CA GLY B 598 18.21 -4.00 11.03
C GLY B 598 19.28 -2.93 11.05
N ASN B 599 19.36 -2.23 9.93
CA ASN B 599 20.36 -1.20 9.74
C ASN B 599 19.81 0.14 10.21
N LYS B 600 20.54 0.80 11.11
CA LYS B 600 20.07 2.01 11.76
C LYS B 600 20.77 3.27 11.23
N LYS B 601 21.35 3.21 10.03
CA LYS B 601 22.04 4.39 9.52
C LYS B 601 21.10 5.38 8.85
N GLY B 602 19.79 5.14 8.87
CA GLY B 602 18.87 6.08 8.27
C GLY B 602 19.00 7.48 8.88
N LEU B 603 18.82 8.50 8.03
CA LEU B 603 18.50 9.82 8.56
C LEU B 603 17.10 9.85 9.14
N PHE B 604 16.19 9.04 8.58
CA PHE B 604 14.84 8.81 9.07
C PHE B 604 14.71 7.40 9.61
N THR B 605 13.77 7.22 10.54
CA THR B 605 13.40 5.87 10.96
C THR B 605 12.65 5.15 9.85
N ARG B 606 12.32 3.88 10.10
CA ARG B 606 11.60 3.10 9.10
C ARG B 606 10.21 3.66 8.84
N ASP B 607 9.57 4.28 9.84
CA ASP B 607 8.31 4.98 9.59
C ASP B 607 8.52 6.46 9.28
N ARG B 608 9.70 6.83 8.75
CA ARG B 608 9.94 8.12 8.12
C ARG B 608 9.89 9.28 9.11
N LYS B 609 10.35 9.05 10.34
CA LYS B 609 10.46 10.15 11.28
C LYS B 609 11.90 10.66 11.31
N PRO B 610 12.11 11.98 11.36
CA PRO B 610 13.48 12.53 11.27
C PRO B 610 14.27 12.43 12.57
N LYS B 611 15.49 11.90 12.49
CA LYS B 611 16.44 11.98 13.58
C LYS B 611 17.09 13.36 13.57
N LEU B 612 17.89 13.64 14.60
N LEU B 612 17.92 13.62 14.59
CA LEU B 612 18.58 14.93 14.67
CA LEU B 612 18.60 14.90 14.69
C LEU B 612 19.37 15.21 13.39
C LEU B 612 19.41 15.21 13.43
N ALA B 613 20.06 14.20 12.86
CA ALA B 613 20.85 14.40 11.64
C ALA B 613 20.00 14.69 10.42
N ALA B 614 18.71 14.29 10.43
CA ALA B 614 17.85 14.70 9.32
C ALA B 614 17.66 16.21 9.33
N HIS B 615 17.51 16.80 10.51
CA HIS B 615 17.38 18.25 10.60
C HIS B 615 18.69 18.94 10.25
N TYR B 616 19.82 18.34 10.68
CA TYR B 616 21.12 18.86 10.29
C TYR B 616 21.24 18.94 8.76
N PHE B 617 20.84 17.88 8.06
CA PHE B 617 20.98 17.91 6.60
C PHE B 617 20.00 18.85 5.95
N LYS B 618 18.81 19.03 6.54
CA LYS B 618 17.91 20.04 6.00
C LYS B 618 18.58 21.41 6.04
N GLU B 619 19.22 21.74 7.16
CA GLU B 619 19.94 23.01 7.25
C GLU B 619 21.09 23.07 6.25
N ARG B 620 21.91 22.02 6.20
CA ARG B 620 23.07 22.04 5.31
C ARG B 620 22.65 22.15 3.85
N TRP B 621 21.73 21.29 3.40
CA TRP B 621 21.32 21.33 2.00
C TRP B 621 20.55 22.61 1.65
N SER B 622 19.93 23.28 2.62
CA SER B 622 19.28 24.56 2.33
C SER B 622 20.28 25.64 1.92
N LYS B 623 21.57 25.45 2.24
CA LYS B 623 22.61 26.44 2.00
C LYS B 623 23.55 26.04 0.88
N ILE B 624 23.34 24.89 0.25
CA ILE B 624 24.17 24.39 -0.84
C ILE B 624 23.32 24.38 -2.11
N PRO B 625 23.73 25.05 -3.17
CA PRO B 625 22.88 25.09 -4.38
C PRO B 625 23.00 23.78 -5.16
N ASP B 626 21.97 23.50 -5.96
CA ASP B 626 22.04 22.31 -6.80
C ASP B 626 23.10 22.43 -7.87
N PHE B 627 23.35 23.67 -8.35
CA PHE B 627 24.34 23.93 -9.38
C PHE B 627 25.29 25.01 -8.89
N GLY B 628 26.55 24.90 -9.26
CA GLY B 628 27.48 26.00 -9.03
C GLY B 628 28.04 26.11 -7.62
N TYR B 629 27.88 25.07 -6.80
CA TYR B 629 28.54 25.03 -5.49
C TYR B 629 30.05 25.03 -5.64
N LYS B 630 30.56 24.24 -6.58
CA LYS B 630 32.01 24.16 -6.84
C LYS B 630 32.20 24.41 -8.33
N LYS B 631 32.35 25.69 -8.69
CA LYS B 631 32.38 26.11 -10.08
C LYS B 631 33.79 26.52 -10.53
C27 E0V C . -12.65 7.39 21.27
C19 E0V C . -15.58 10.38 23.77
C15 E0V C . -12.09 12.82 22.80
C20 E0V C . -15.05 9.15 23.04
C24 E0V C . -14.96 6.81 22.89
C31 E0V C . -15.06 6.88 21.40
C26 E0V C . -12.33 6.75 22.63
C23 E0V C . -15.65 8.95 25.87
C33 E0V C . -11.33 7.45 23.36
C29 E0V C . -13.81 6.60 20.71
C01 E0V C . -15.67 13.62 33.41
C03 E0V C . -13.94 13.07 31.70
C04 E0V C . -12.96 13.90 31.12
C05 E0V C . -12.73 13.83 29.78
C06 E0V C . -13.46 12.97 29.04
C07 E0V C . -14.46 12.13 29.60
C10 E0V C . -14.38 11.68 27.14
C11 E0V C . -13.41 12.66 27.44
C13 E0V C . -12.81 12.76 25.21
C17 E0V C . -14.51 11.26 25.84
C22 E0V C . -15.31 7.74 24.98
N02 E0V C . -14.47 12.88 33.04
N08 E0V C . -14.68 12.22 30.94
N12 E0V C . -12.65 13.19 26.50
N14 E0V C . -11.98 13.33 24.17
N16 E0V C . -13.76 11.80 24.90
N18 E0V C . -15.46 10.24 25.21
N21 E0V C . -15.62 7.89 23.56
O25 E0V C . -13.59 6.80 23.50
O28 E0V C . -11.51 7.32 20.46
O30 E0V C . -13.91 6.89 19.26
O32 E0V C . -16.07 5.89 20.96
O34 E0V C . -10.16 7.01 23.37
O35 E0V C . -11.60 8.49 24.02
S09 E0V C . -15.11 11.25 28.47
S SO4 D . -9.35 19.92 11.54
O1 SO4 D . -9.33 19.90 13.01
O2 SO4 D . -7.96 19.91 11.03
O3 SO4 D . -10.08 18.75 11.04
O4 SO4 D . -10.00 21.11 11.05
S SO4 E . -21.16 20.84 3.97
O1 SO4 E . -20.86 19.82 4.97
O2 SO4 E . -20.53 22.09 4.37
O3 SO4 E . -22.61 21.02 3.88
O4 SO4 E . -20.68 20.40 2.66
S SO4 F . -18.16 27.36 4.12
O1 SO4 F . -19.25 28.24 3.71
O2 SO4 F . -17.31 28.06 5.10
O3 SO4 F . -17.36 26.99 2.97
O4 SO4 F . -18.71 26.15 4.74
S SO4 G . -37.36 -19.74 -2.25
O1 SO4 G . -36.00 -19.68 -1.71
O2 SO4 G . -38.25 -19.03 -1.34
O3 SO4 G . -37.47 -19.10 -3.55
O4 SO4 G . -37.75 -21.16 -2.38
S SO4 H . -30.21 -16.70 -22.53
O1 SO4 H . -29.76 -15.61 -23.38
O2 SO4 H . -29.87 -16.45 -21.13
O3 SO4 H . -31.65 -16.82 -22.67
O4 SO4 H . -29.57 -17.96 -22.92
C27 E0V I . 25.60 -1.53 3.90
C19 E0V I . 31.08 -1.81 4.80
C15 E0V I . 27.43 -5.65 7.23
C20 E0V I . 30.37 -1.20 3.60
C24 E0V I . 28.16 -0.93 2.78
C31 E0V I . 27.09 -1.58 1.96
C26 E0V I . 26.33 -0.37 4.59
C23 E0V I . 30.04 -3.99 4.08
C33 E0V I . 26.48 -0.58 5.99
C29 E0V I . 25.73 -1.27 2.42
C01 E0V I . 38.10 -3.38 10.29
C03 E0V I . 35.60 -3.21 10.47
C04 E0V I . 34.70 -4.00 11.22
C05 E0V I . 33.51 -4.38 10.67
C06 E0V I . 33.22 -4.02 9.40
C07 E0V I . 34.13 -3.23 8.64
C10 E0V I . 32.11 -3.70 7.19
C11 E0V I . 31.92 -4.31 8.45
C13 E0V I . 29.85 -5.10 7.71
C17 E0V I . 31.15 -3.81 6.22
C22 E0V I . 29.00 -3.21 3.27
N02 E0V I . 36.91 -2.63 10.71
N08 E0V I . 35.31 -2.84 9.20
N12 E0V I . 30.81 -4.99 8.69
N14 E0V I . 28.65 -5.84 8.00
N16 E0V I . 30.04 -4.50 6.47
N18 E0V I . 31.11 -3.27 4.79
N21 E0V I . 29.03 -1.79 3.53
O25 E0V I . 27.65 -0.05 3.88
O28 E0V I . 24.26 -1.49 4.32
O30 E0V I . 24.76 -2.06 1.65
O32 E0V I . 27.18 -1.03 0.60
O34 E0V I . 27.26 -1.41 6.47
O35 E0V I . 25.76 0.13 6.74
S09 E0V I . 33.51 -2.97 7.22
S SO4 J . 19.60 -26.49 -2.38
O1 SO4 J . 20.25 -25.20 -2.59
O2 SO4 J . 19.86 -26.95 -1.02
O3 SO4 J . 18.16 -26.31 -2.58
O4 SO4 J . 20.16 -27.47 -3.31
S SO4 K . 6.26 3.87 -42.64
O1 SO4 K . 7.58 4.21 -43.18
O2 SO4 K . 6.16 4.36 -41.26
O3 SO4 K . 5.25 4.54 -43.46
O4 SO4 K . 6.06 2.42 -42.68
S SO4 L . 10.75 18.84 -37.89
O1 SO4 L . 12.14 19.19 -37.62
O2 SO4 L . 10.04 18.66 -36.63
O3 SO4 L . 10.12 19.91 -38.65
O4 SO4 L . 10.71 17.59 -38.66
S SO4 M . -2.35 4.44 -42.42
O1 SO4 M . -1.82 5.54 -43.23
O2 SO4 M . -1.52 4.30 -41.22
O3 SO4 M . -3.73 4.71 -42.03
O4 SO4 M . -2.30 3.21 -43.20
S SO4 N . -6.47 3.08 -45.66
O1 SO4 N . -5.70 3.71 -46.72
O2 SO4 N . -6.68 4.06 -44.59
O3 SO4 N . -7.77 2.65 -46.20
O4 SO4 N . -5.74 1.93 -45.16
S SO4 O . 18.11 -15.76 5.79
O1 SO4 O . 18.06 -15.12 4.49
O2 SO4 O . 19.23 -15.23 6.59
O3 SO4 O . 16.85 -15.53 6.50
O4 SO4 O . 18.29 -17.20 5.63
#